data_2JPP
#
_entry.id   2JPP
#
loop_
_entity.id
_entity.type
_entity.pdbx_description
1 polymer "RNA (5'-R(*GP*GP*GP*CP*UP*UP*CP*AP*CP*GP*GP*AP*UP*GP*AP*AP*GP*CP*CP*C)-3')"
2 polymer 'Translational repressor'
#
loop_
_entity_poly.entity_id
_entity_poly.type
_entity_poly.pdbx_seq_one_letter_code
_entity_poly.pdbx_strand_id
1 'polyribonucleotide' GGGCUUCACGGAUGAAGCCC C,D
2 'polypeptide(L)' MLILTRKVGESINIGDDITITILGVSGQQVRIGINAPKDVAVHREEIYQRIQAGLTAPDKRETPHHHHHH A,B
#
loop_
_chem_comp.id
_chem_comp.type
_chem_comp.name
_chem_comp.formula
A RNA linking ADENOSINE-5'-MONOPHOSPHATE 'C10 H14 N5 O7 P'
C RNA linking CYTIDINE-5'-MONOPHOSPHATE 'C9 H14 N3 O8 P'
G RNA linking GUANOSINE-5'-MONOPHOSPHATE 'C10 H14 N5 O8 P'
U RNA linking URIDINE-5'-MONOPHOSPHATE 'C9 H13 N2 O9 P'
#
# COMPACT_ATOMS: atom_id res chain seq x y z
N MET C 1 -8.17 -0.01 10.04
CA MET C 1 -7.54 -0.41 8.76
C MET C 1 -8.60 -0.71 7.71
N LEU C 2 -8.32 -0.38 6.44
CA LEU C 2 -9.22 -0.65 5.34
C LEU C 2 -8.63 -1.76 4.48
N ILE C 3 -9.05 -3.00 4.74
CA ILE C 3 -8.56 -4.15 4.01
C ILE C 3 -9.26 -4.24 2.66
N LEU C 4 -8.53 -4.66 1.62
CA LEU C 4 -9.06 -4.85 0.29
C LEU C 4 -8.38 -6.09 -0.33
N THR C 5 -8.93 -6.63 -1.41
CA THR C 5 -8.35 -7.78 -2.10
C THR C 5 -8.24 -7.49 -3.60
N ARG C 6 -7.12 -6.87 -4.01
CA ARG C 6 -6.90 -6.46 -5.39
C ARG C 6 -6.30 -7.58 -6.22
N LYS C 7 -6.38 -7.47 -7.54
CA LYS C 7 -5.69 -8.38 -8.46
C LYS C 7 -4.34 -7.77 -8.82
N VAL C 8 -3.40 -8.60 -9.28
CA VAL C 8 -2.12 -8.14 -9.77
C VAL C 8 -2.34 -7.21 -10.97
N GLY C 9 -1.72 -6.03 -10.94
CA GLY C 9 -1.80 -5.05 -12.01
C GLY C 9 -2.82 -3.95 -11.72
N GLU C 10 -3.68 -4.14 -10.71
CA GLU C 10 -4.62 -3.11 -10.28
C GLU C 10 -3.92 -2.16 -9.31
N SER C 11 -4.66 -1.20 -8.75
CA SER C 11 -4.07 -0.24 -7.83
C SER C 11 -5.06 0.26 -6.80
N ILE C 12 -4.53 1.07 -5.89
CA ILE C 12 -5.22 1.71 -4.78
C ILE C 12 -4.78 3.17 -4.75
N ASN C 13 -5.52 4.04 -4.05
CA ASN C 13 -5.17 5.45 -3.96
C ASN C 13 -5.37 5.93 -2.52
N ILE C 14 -4.53 6.89 -2.08
CA ILE C 14 -4.57 7.41 -0.72
C ILE C 14 -4.25 8.90 -0.73
N GLY C 15 -4.86 9.65 0.18
CA GLY C 15 -4.57 11.07 0.38
C GLY C 15 -4.77 11.95 -0.85
N ASP C 16 -5.35 11.40 -1.92
CA ASP C 16 -5.57 12.09 -3.19
C ASP C 16 -4.26 12.51 -3.89
N ASP C 17 -3.10 12.14 -3.33
CA ASP C 17 -1.80 12.45 -3.93
C ASP C 17 -0.89 11.23 -3.98
N ILE C 18 -1.38 10.08 -3.49
CA ILE C 18 -0.57 8.87 -3.41
C ILE C 18 -1.30 7.72 -4.10
N THR C 19 -0.55 6.86 -4.80
CA THR C 19 -1.10 5.72 -5.52
C THR C 19 -0.28 4.48 -5.19
N ILE C 20 -0.96 3.38 -4.88
CA ILE C 20 -0.32 2.16 -4.42
C ILE C 20 -0.68 0.99 -5.34
N THR C 21 0.14 0.76 -6.38
CA THR C 21 -0.09 -0.30 -7.34
C THR C 21 0.40 -1.63 -6.78
N ILE C 22 -0.18 -2.74 -7.24
CA ILE C 22 0.24 -4.09 -6.87
C ILE C 22 0.88 -4.74 -8.09
N LEU C 23 2.21 -4.73 -8.14
CA LEU C 23 2.97 -5.15 -9.30
C LEU C 23 2.92 -6.68 -9.46
N GLY C 24 2.72 -7.40 -8.35
CA GLY C 24 2.57 -8.84 -8.44
C GLY C 24 2.91 -9.55 -7.14
N VAL C 25 2.94 -10.88 -7.20
CA VAL C 25 3.20 -11.76 -6.06
C VAL C 25 4.42 -12.64 -6.37
N SER C 26 5.13 -13.07 -5.32
CA SER C 26 6.31 -13.91 -5.44
C SER C 26 6.36 -14.89 -4.27
N GLY C 27 5.46 -15.88 -4.29
CA GLY C 27 5.37 -16.87 -3.23
C GLY C 27 5.00 -16.21 -1.90
N GLN C 28 5.87 -16.37 -0.90
CA GLN C 28 5.69 -15.80 0.42
C GLN C 28 5.89 -14.27 0.42
N GLN C 29 6.17 -13.68 -0.75
CA GLN C 29 6.38 -12.24 -0.86
C GLN C 29 5.40 -11.61 -1.83
N VAL C 30 5.34 -10.28 -1.82
CA VAL C 30 4.51 -9.48 -2.70
C VAL C 30 5.29 -8.24 -3.11
N ARG C 31 5.06 -7.74 -4.33
CA ARG C 31 5.72 -6.54 -4.82
C ARG C 31 4.71 -5.43 -5.05
N ILE C 32 4.84 -4.37 -4.25
CA ILE C 32 3.98 -3.21 -4.27
C ILE C 32 4.79 -2.00 -4.76
N GLY C 33 4.10 -1.01 -5.32
CA GLY C 33 4.73 0.21 -5.84
C GLY C 33 4.11 1.44 -5.21
N ILE C 34 4.80 2.05 -4.25
CA ILE C 34 4.31 3.25 -3.57
C ILE C 34 4.66 4.48 -4.40
N ASN C 35 3.64 5.15 -4.94
CA ASN C 35 3.80 6.38 -5.71
C ASN C 35 3.35 7.57 -4.88
N ALA C 36 4.31 8.30 -4.31
CA ALA C 36 4.06 9.48 -3.51
C ALA C 36 5.12 10.53 -3.87
N PRO C 37 4.81 11.83 -3.70
CA PRO C 37 5.76 12.88 -3.98
C PRO C 37 6.88 12.82 -2.94
N LYS C 38 8.06 13.32 -3.28
CA LYS C 38 9.19 13.28 -2.35
C LYS C 38 8.97 14.24 -1.18
N ASP C 39 7.85 14.96 -1.19
CA ASP C 39 7.42 15.83 -0.09
C ASP C 39 7.04 15.01 1.14
N VAL C 40 6.83 13.70 0.97
CA VAL C 40 6.44 12.81 2.05
C VAL C 40 7.37 11.60 2.07
N ALA C 41 7.37 10.85 3.17
CA ALA C 41 8.27 9.72 3.33
C ALA C 41 7.55 8.39 3.11
N VAL C 42 8.33 7.35 2.82
CA VAL C 42 7.85 5.98 2.70
C VAL C 42 8.99 5.04 3.05
N HIS C 43 8.78 4.23 4.09
CA HIS C 43 9.76 3.25 4.53
C HIS C 43 9.07 1.98 4.99
N ARG C 44 9.78 0.85 4.91
CA ARG C 44 9.32 -0.45 5.38
C ARG C 44 9.36 -0.50 6.91
N GLU C 45 8.58 -1.41 7.50
CA GLU C 45 8.48 -1.52 8.95
C GLU C 45 9.79 -1.99 9.58
N GLU C 46 10.58 -2.79 8.86
CA GLU C 46 11.81 -3.35 9.39
C GLU C 46 12.98 -2.36 9.33
N ILE C 47 12.74 -1.17 8.75
CA ILE C 47 13.78 -0.15 8.61
C ILE C 47 13.31 1.20 9.17
N TYR C 48 12.01 1.37 9.40
CA TYR C 48 11.55 2.57 10.08
C TYR C 48 12.18 2.65 11.47
N GLN C 49 12.30 1.50 12.14
CA GLN C 49 12.93 1.42 13.45
C GLN C 49 14.46 1.39 13.33
N ARG C 50 14.99 1.06 12.14
CA ARG C 50 16.43 1.05 11.90
C ARG C 50 16.97 2.48 11.89
N ILE C 51 16.11 3.44 11.54
CA ILE C 51 16.43 4.87 11.55
C ILE C 51 16.58 5.36 12.99
N GLN C 52 15.76 4.82 13.89
CA GLN C 52 15.77 5.19 15.30
C GLN C 52 17.04 4.71 16.02
N ALA C 53 17.91 3.99 15.31
CA ALA C 53 19.17 3.50 15.84
C ALA C 53 20.33 3.86 14.91
N MET D 1 8.79 6.38 -8.12
CA MET D 1 8.09 5.33 -7.35
C MET D 1 9.07 4.55 -6.49
N LEU D 2 8.66 4.19 -5.28
CA LEU D 2 9.46 3.36 -4.39
C LEU D 2 8.89 1.94 -4.40
N ILE D 3 9.47 1.06 -5.22
CA ILE D 3 9.05 -0.32 -5.29
C ILE D 3 9.71 -1.10 -4.15
N LEU D 4 8.98 -2.03 -3.53
CA LEU D 4 9.50 -2.88 -2.49
C LEU D 4 8.91 -4.28 -2.67
N THR D 5 9.55 -5.30 -2.06
CA THR D 5 9.04 -6.67 -2.12
C THR D 5 8.83 -7.17 -0.70
N ARG D 6 7.67 -6.82 -0.12
CA ARG D 6 7.33 -7.08 1.27
C ARG D 6 6.89 -8.53 1.48
N LYS D 7 7.42 -9.19 2.52
CA LYS D 7 6.97 -10.52 2.91
C LYS D 7 5.58 -10.43 3.52
N VAL D 8 4.76 -11.48 3.32
CA VAL D 8 3.42 -11.54 3.90
C VAL D 8 3.52 -11.46 5.42
N GLY D 9 2.57 -10.75 6.03
CA GLY D 9 2.49 -10.61 7.47
C GLY D 9 3.30 -9.41 7.99
N GLU D 10 4.06 -8.76 7.10
CA GLU D 10 4.82 -7.57 7.45
C GLU D 10 4.08 -6.32 6.99
N SER D 11 4.70 -5.14 7.14
CA SER D 11 4.06 -3.89 6.77
C SER D 11 5.04 -2.89 6.17
N ILE D 12 4.48 -1.81 5.59
CA ILE D 12 5.19 -0.67 5.06
C ILE D 12 4.58 0.58 5.72
N ASN D 13 5.22 1.73 5.60
CA ASN D 13 4.71 2.97 6.19
C ASN D 13 4.83 4.13 5.22
N ILE D 14 4.02 5.16 5.45
CA ILE D 14 4.01 6.38 4.65
C ILE D 14 3.80 7.57 5.59
N GLY D 15 4.35 8.73 5.22
CA GLY D 15 4.25 9.93 6.03
C GLY D 15 4.79 9.67 7.43
N ASP D 16 3.93 9.82 8.44
CA ASP D 16 4.28 9.55 9.83
C ASP D 16 3.09 8.93 10.59
N ASP D 17 1.99 8.66 9.88
CA ASP D 17 0.76 8.16 10.50
C ASP D 17 0.09 7.07 9.67
N ILE D 18 0.69 6.64 8.56
CA ILE D 18 0.07 5.66 7.67
C ILE D 18 0.87 4.36 7.66
N THR D 19 0.18 3.23 7.53
CA THR D 19 0.78 1.91 7.47
C THR D 19 0.08 1.08 6.40
N ILE D 20 0.86 0.33 5.61
CA ILE D 20 0.33 -0.49 4.53
C ILE D 20 0.74 -1.94 4.78
N THR D 21 -0.10 -2.68 5.51
CA THR D 21 0.14 -4.07 5.85
C THR D 21 -0.13 -4.96 4.64
N ILE D 22 0.42 -6.19 4.65
CA ILE D 22 0.15 -7.20 3.64
C ILE D 22 -0.33 -8.47 4.35
N LEU D 23 -1.63 -8.74 4.25
CA LEU D 23 -2.24 -9.84 4.98
C LEU D 23 -1.96 -11.16 4.29
N GLY D 24 -1.71 -11.14 2.98
CA GLY D 24 -1.24 -12.33 2.28
C GLY D 24 -1.81 -12.49 0.88
N VAL D 25 -1.37 -13.55 0.20
CA VAL D 25 -1.79 -13.87 -1.15
C VAL D 25 -3.24 -14.35 -1.16
N SER D 26 -3.85 -14.34 -2.34
CA SER D 26 -5.23 -14.77 -2.57
C SER D 26 -5.36 -15.28 -4.00
N GLY D 27 -4.39 -16.10 -4.44
CA GLY D 27 -4.32 -16.58 -5.81
C GLY D 27 -3.77 -15.46 -6.69
N GLN D 28 -4.48 -15.14 -7.78
CA GLN D 28 -4.09 -14.01 -8.61
C GLN D 28 -4.41 -12.69 -7.88
N GLN D 29 -5.06 -12.77 -6.72
CA GLN D 29 -5.35 -11.60 -5.91
C GLN D 29 -4.35 -11.49 -4.75
N VAL D 30 -4.40 -10.35 -4.05
CA VAL D 30 -3.56 -10.06 -2.89
C VAL D 30 -4.37 -9.24 -1.90
N ARG D 31 -4.39 -9.67 -0.63
CA ARG D 31 -5.10 -8.95 0.42
C ARG D 31 -4.16 -8.02 1.15
N ILE D 32 -4.32 -6.72 0.89
CA ILE D 32 -3.52 -5.65 1.47
C ILE D 32 -4.36 -4.96 2.55
N GLY D 33 -3.70 -4.24 3.47
CA GLY D 33 -4.36 -3.55 4.57
C GLY D 33 -3.88 -2.11 4.68
N ILE D 34 -4.65 -1.16 4.14
CA ILE D 34 -4.29 0.24 4.15
C ILE D 34 -4.79 0.86 5.46
N ASN D 35 -3.87 1.32 6.31
CA ASN D 35 -4.23 1.88 7.59
C ASN D 35 -3.82 3.35 7.68
N ALA D 36 -4.82 4.23 7.70
CA ALA D 36 -4.66 5.67 7.80
C ALA D 36 -5.81 6.24 8.62
N PRO D 37 -5.62 7.42 9.24
CA PRO D 37 -6.68 8.06 10.00
C PRO D 37 -7.75 8.60 9.06
N LYS D 38 -8.94 8.88 9.59
CA LYS D 38 -10.04 9.42 8.80
C LYS D 38 -9.75 10.85 8.33
N ASP D 39 -8.59 11.39 8.71
CA ASP D 39 -8.12 12.69 8.22
C ASP D 39 -7.79 12.64 6.74
N VAL D 40 -7.68 11.43 6.18
CA VAL D 40 -7.35 11.22 4.78
C VAL D 40 -8.28 10.17 4.18
N ALA D 41 -8.24 9.99 2.86
CA ALA D 41 -9.12 9.05 2.18
C ALA D 41 -8.31 7.91 1.57
N VAL D 42 -8.99 6.79 1.30
CA VAL D 42 -8.41 5.61 0.68
C VAL D 42 -9.50 4.88 -0.12
N HIS D 43 -9.27 4.75 -1.43
CA HIS D 43 -10.18 4.06 -2.33
C HIS D 43 -9.40 3.28 -3.39
N ARG D 44 -10.07 2.36 -4.08
CA ARG D 44 -9.48 1.59 -5.16
C ARG D 44 -9.65 2.31 -6.49
N GLU D 45 -8.95 1.86 -7.53
CA GLU D 45 -8.95 2.50 -8.84
C GLU D 45 -10.32 2.40 -9.52
N GLU D 46 -11.03 1.28 -9.35
CA GLU D 46 -12.32 1.04 -9.98
C GLU D 46 -13.48 1.70 -9.23
N ILE D 47 -13.18 2.46 -8.16
CA ILE D 47 -14.18 3.08 -7.31
C ILE D 47 -13.91 4.57 -7.16
N TYR D 48 -12.65 4.99 -7.21
CA TYR D 48 -12.32 6.41 -7.18
C TYR D 48 -12.91 7.09 -8.40
N GLN D 49 -12.74 6.47 -9.57
CA GLN D 49 -13.25 7.00 -10.84
C GLN D 49 -14.77 6.87 -10.93
N ARG D 50 -15.39 6.13 -9.99
CA ARG D 50 -16.83 5.92 -9.98
C ARG D 50 -17.56 7.09 -9.29
N ILE D 51 -16.81 7.97 -8.62
CA ILE D 51 -17.36 9.09 -7.89
C ILE D 51 -17.77 10.22 -8.85
N GLN D 52 -17.00 10.46 -9.91
CA GLN D 52 -17.29 11.52 -10.86
C GLN D 52 -18.61 11.30 -11.59
N ALA D 53 -19.22 10.11 -11.45
CA ALA D 53 -20.48 9.78 -12.07
C ALA D 53 -21.67 10.56 -11.48
N MET C 1 -8.25 0.04 10.29
CA MET C 1 -7.62 -0.34 9.00
C MET C 1 -8.67 -0.61 7.95
N LEU C 2 -8.40 -0.27 6.69
CA LEU C 2 -9.29 -0.52 5.58
C LEU C 2 -8.69 -1.62 4.70
N ILE C 3 -9.16 -2.85 4.87
CA ILE C 3 -8.66 -4.00 4.13
C ILE C 3 -9.39 -4.09 2.79
N LEU C 4 -8.67 -4.52 1.76
CA LEU C 4 -9.22 -4.73 0.43
C LEU C 4 -8.56 -5.97 -0.19
N THR C 5 -9.14 -6.50 -1.27
CA THR C 5 -8.57 -7.62 -1.99
C THR C 5 -8.39 -7.20 -3.45
N ARG C 6 -7.27 -6.54 -3.73
CA ARG C 6 -7.01 -5.94 -5.04
C ARG C 6 -6.52 -7.00 -6.03
N LYS C 7 -6.81 -6.79 -7.31
CA LYS C 7 -6.32 -7.64 -8.39
C LYS C 7 -4.90 -7.18 -8.76
N VAL C 8 -4.05 -8.12 -9.19
CA VAL C 8 -2.71 -7.78 -9.66
C VAL C 8 -2.83 -6.86 -10.88
N GLY C 9 -2.03 -5.79 -10.88
CA GLY C 9 -1.99 -4.82 -11.97
C GLY C 9 -2.86 -3.60 -11.70
N GLU C 10 -3.72 -3.66 -10.66
CA GLU C 10 -4.55 -2.54 -10.25
C GLU C 10 -3.82 -1.75 -9.15
N SER C 11 -4.48 -0.74 -8.58
CA SER C 11 -3.87 0.09 -7.55
C SER C 11 -4.86 0.52 -6.48
N ILE C 12 -4.33 1.19 -5.45
CA ILE C 12 -5.09 1.85 -4.40
C ILE C 12 -4.62 3.31 -4.39
N ASN C 13 -5.38 4.20 -3.76
CA ASN C 13 -5.01 5.60 -3.63
C ASN C 13 -5.20 6.06 -2.19
N ILE C 14 -4.36 6.99 -1.76
CA ILE C 14 -4.40 7.52 -0.40
C ILE C 14 -4.12 9.02 -0.44
N GLY C 15 -4.79 9.78 0.43
CA GLY C 15 -4.54 11.21 0.56
C GLY C 15 -4.76 12.01 -0.73
N ASP C 16 -5.33 11.36 -1.76
CA ASP C 16 -5.56 11.93 -3.08
C ASP C 16 -4.27 12.36 -3.79
N ASP C 17 -3.09 12.03 -3.24
CA ASP C 17 -1.80 12.35 -3.84
C ASP C 17 -0.87 11.14 -3.88
N ILE C 18 -1.34 9.98 -3.40
CA ILE C 18 -0.52 8.78 -3.32
C ILE C 18 -1.21 7.63 -4.06
N THR C 19 -0.42 6.70 -4.59
CA THR C 19 -0.92 5.51 -5.26
C THR C 19 -0.14 4.30 -4.80
N ILE C 20 -0.84 3.19 -4.52
CA ILE C 20 -0.23 1.96 -4.04
C ILE C 20 -0.59 0.84 -5.02
N THR C 21 0.23 0.68 -6.07
CA THR C 21 0.00 -0.32 -7.09
C THR C 21 0.40 -1.70 -6.58
N ILE C 22 -0.20 -2.76 -7.14
CA ILE C 22 0.14 -4.14 -6.83
C ILE C 22 0.70 -4.78 -8.11
N LEU C 23 2.03 -4.83 -8.21
CA LEU C 23 2.71 -5.29 -9.41
C LEU C 23 2.56 -6.79 -9.57
N GLY C 24 2.35 -7.51 -8.47
CA GLY C 24 1.99 -8.93 -8.57
C GLY C 24 2.51 -9.77 -7.41
N VAL C 25 2.06 -11.03 -7.40
CA VAL C 25 2.49 -12.00 -6.40
C VAL C 25 3.92 -12.47 -6.70
N SER C 26 4.56 -13.04 -5.69
CA SER C 26 5.92 -13.54 -5.76
C SER C 26 6.07 -14.73 -4.82
N GLY C 27 5.04 -15.59 -4.79
CA GLY C 27 4.99 -16.74 -3.88
C GLY C 27 4.62 -16.25 -2.48
N GLN C 28 5.46 -16.57 -1.50
CA GLN C 28 5.27 -16.07 -0.14
C GLN C 28 5.58 -14.57 -0.08
N GLN C 29 5.99 -13.97 -1.21
CA GLN C 29 6.31 -12.55 -1.28
C GLN C 29 5.32 -11.84 -2.20
N VAL C 30 5.33 -10.51 -2.17
CA VAL C 30 4.42 -9.68 -2.96
C VAL C 30 5.12 -8.38 -3.34
N ARG C 31 5.16 -8.06 -4.64
CA ARG C 31 5.75 -6.82 -5.12
C ARG C 31 4.68 -5.74 -5.22
N ILE C 32 4.83 -4.72 -4.37
CA ILE C 32 3.95 -3.55 -4.30
C ILE C 32 4.73 -2.32 -4.77
N GLY C 33 4.02 -1.28 -5.21
CA GLY C 33 4.63 -0.05 -5.72
C GLY C 33 4.02 1.18 -5.05
N ILE C 34 4.74 1.77 -4.10
CA ILE C 34 4.27 2.92 -3.35
C ILE C 34 4.71 4.19 -4.10
N ASN C 35 3.76 5.03 -4.52
CA ASN C 35 4.08 6.24 -5.26
C ASN C 35 3.49 7.46 -4.57
N ALA C 36 4.38 8.26 -3.99
CA ALA C 36 4.06 9.47 -3.25
C ALA C 36 5.12 10.53 -3.56
N PRO C 37 4.79 11.82 -3.37
CA PRO C 37 5.75 12.90 -3.58
C PRO C 37 6.77 12.92 -2.44
N LYS C 38 7.88 13.63 -2.64
CA LYS C 38 8.92 13.76 -1.62
C LYS C 38 8.46 14.63 -0.46
N ASP C 39 7.22 15.13 -0.50
CA ASP C 39 6.62 15.87 0.59
C ASP C 39 6.29 14.92 1.75
N VAL C 40 6.40 13.60 1.50
CA VAL C 40 6.15 12.57 2.49
C VAL C 40 7.24 11.50 2.38
N ALA C 41 7.25 10.56 3.33
CA ALA C 41 8.24 9.50 3.35
C ALA C 41 7.58 8.13 3.18
N VAL C 42 8.38 7.13 2.83
CA VAL C 42 7.95 5.75 2.65
C VAL C 42 9.10 4.81 2.96
N HIS C 43 8.93 3.99 4.00
CA HIS C 43 9.91 3.00 4.40
C HIS C 43 9.20 1.73 4.89
N ARG C 44 9.91 0.61 4.90
CA ARG C 44 9.39 -0.65 5.43
C ARG C 44 9.56 -0.65 6.96
N GLU C 45 8.92 -1.59 7.65
CA GLU C 45 8.97 -1.65 9.11
C GLU C 45 10.40 -1.92 9.61
N GLU C 46 11.10 -2.84 8.96
CA GLU C 46 12.45 -3.24 9.35
C GLU C 46 13.49 -2.14 9.09
N ILE C 47 13.05 -1.00 8.55
CA ILE C 47 13.94 0.09 8.13
C ILE C 47 13.47 1.40 8.74
N TYR C 48 12.20 1.51 9.13
CA TYR C 48 11.70 2.69 9.82
C TYR C 48 12.32 2.77 11.22
N GLN C 49 12.46 1.62 11.89
CA GLN C 49 13.02 1.56 13.22
C GLN C 49 14.53 1.80 13.22
N ARG C 50 15.17 1.73 12.06
CA ARG C 50 16.60 1.99 11.95
C ARG C 50 16.87 3.48 12.11
N ILE C 51 16.00 4.31 11.50
CA ILE C 51 16.13 5.76 11.44
C ILE C 51 16.21 6.35 12.84
N GLN C 52 15.52 5.73 13.80
CA GLN C 52 15.51 6.19 15.18
C GLN C 52 16.85 5.92 15.89
N ALA C 53 17.83 5.36 15.18
CA ALA C 53 19.16 5.11 15.70
C ALA C 53 20.25 5.57 14.71
N MET D 1 8.12 6.34 -8.24
CA MET D 1 7.57 5.24 -7.43
C MET D 1 8.68 4.54 -6.66
N LEU D 2 8.35 4.01 -5.48
CA LEU D 2 9.27 3.26 -4.64
C LEU D 2 8.77 1.83 -4.55
N ILE D 3 9.30 0.94 -5.39
CA ILE D 3 8.86 -0.43 -5.43
C ILE D 3 9.56 -1.23 -4.33
N LEU D 4 8.83 -2.18 -3.73
CA LEU D 4 9.35 -3.07 -2.71
C LEU D 4 8.71 -4.45 -2.93
N THR D 5 9.30 -5.50 -2.34
CA THR D 5 8.76 -6.85 -2.44
C THR D 5 8.65 -7.45 -1.04
N ARG D 6 7.56 -7.13 -0.34
CA ARG D 6 7.34 -7.55 1.03
C ARG D 6 6.98 -9.03 1.08
N LYS D 7 6.88 -9.59 2.29
CA LYS D 7 6.44 -10.96 2.49
C LYS D 7 5.14 -10.95 3.29
N VAL D 8 4.35 -12.03 3.18
CA VAL D 8 3.07 -12.12 3.87
C VAL D 8 3.27 -11.92 5.37
N GLY D 9 2.54 -10.95 5.93
CA GLY D 9 2.58 -10.64 7.35
C GLY D 9 3.48 -9.44 7.66
N GLU D 10 4.27 -8.97 6.67
CA GLU D 10 5.12 -7.80 6.85
C GLU D 10 4.31 -6.53 6.58
N SER D 11 4.93 -5.37 6.84
CA SER D 11 4.26 -4.09 6.67
C SER D 11 5.20 -3.00 6.18
N ILE D 12 4.61 -1.85 5.85
CA ILE D 12 5.27 -0.66 5.35
C ILE D 12 4.64 0.55 6.03
N ASN D 13 5.30 1.71 5.94
CA ASN D 13 4.82 2.95 6.51
C ASN D 13 4.92 4.07 5.50
N ILE D 14 4.00 5.04 5.60
CA ILE D 14 3.95 6.18 4.70
C ILE D 14 3.54 7.42 5.49
N GLY D 15 4.06 8.59 5.11
CA GLY D 15 3.70 9.87 5.71
C GLY D 15 3.93 9.93 7.23
N ASP D 16 4.62 8.94 7.81
CA ASP D 16 4.88 8.82 9.23
C ASP D 16 3.60 8.71 10.07
N ASP D 17 2.43 8.60 9.44
CA ASP D 17 1.15 8.47 10.14
C ASP D 17 0.30 7.35 9.53
N ILE D 18 0.81 6.66 8.50
CA ILE D 18 0.07 5.63 7.81
C ILE D 18 0.87 4.33 7.82
N THR D 19 0.16 3.19 7.77
CA THR D 19 0.77 1.88 7.75
C THR D 19 0.05 1.00 6.75
N ILE D 20 0.81 0.18 6.02
CA ILE D 20 0.27 -0.74 5.02
C ILE D 20 0.70 -2.15 5.42
N THR D 21 -0.12 -3.16 5.15
CA THR D 21 0.21 -4.52 5.56
C THR D 21 -0.28 -5.53 4.53
N ILE D 22 0.61 -6.46 4.14
CA ILE D 22 0.24 -7.53 3.22
C ILE D 22 -0.32 -8.70 4.02
N LEU D 23 -1.64 -8.84 4.06
CA LEU D 23 -2.29 -9.84 4.88
C LEU D 23 -2.11 -11.23 4.26
N GLY D 24 -1.94 -11.29 2.94
CA GLY D 24 -1.63 -12.53 2.25
C GLY D 24 -2.07 -12.52 0.80
N VAL D 25 -1.65 -13.53 0.05
CA VAL D 25 -2.03 -13.68 -1.35
C VAL D 25 -3.47 -14.17 -1.46
N SER D 26 -4.06 -14.03 -2.65
CA SER D 26 -5.42 -14.44 -2.93
C SER D 26 -5.52 -14.92 -4.38
N GLY D 27 -4.49 -15.63 -4.84
CA GLY D 27 -4.42 -16.11 -6.21
C GLY D 27 -4.02 -14.97 -7.13
N GLN D 28 -4.85 -14.67 -8.13
CA GLN D 28 -4.64 -13.53 -9.00
C GLN D 28 -4.95 -12.22 -8.28
N GLN D 29 -5.38 -12.31 -7.00
CA GLN D 29 -5.64 -11.16 -6.17
C GLN D 29 -4.69 -11.15 -4.98
N VAL D 30 -4.71 -10.08 -4.19
CA VAL D 30 -3.88 -9.94 -3.00
C VAL D 30 -4.64 -9.17 -1.94
N ARG D 31 -4.74 -9.73 -0.72
CA ARG D 31 -5.38 -9.03 0.39
C ARG D 31 -4.36 -8.16 1.11
N ILE D 32 -4.51 -6.84 0.92
CA ILE D 32 -3.66 -5.84 1.55
C ILE D 32 -4.53 -4.95 2.44
N GLY D 33 -3.93 -4.34 3.47
CA GLY D 33 -4.64 -3.42 4.35
C GLY D 33 -3.96 -2.07 4.35
N ILE D 34 -4.74 -1.01 4.59
CA ILE D 34 -4.27 0.36 4.62
C ILE D 34 -4.79 1.01 5.90
N ASN D 35 -3.89 1.54 6.73
CA ASN D 35 -4.28 2.12 8.00
C ASN D 35 -3.80 3.56 8.13
N ALA D 36 -4.75 4.48 8.04
CA ALA D 36 -4.55 5.92 8.10
C ALA D 36 -5.68 6.52 8.95
N PRO D 37 -5.49 7.73 9.49
CA PRO D 37 -6.54 8.41 10.23
C PRO D 37 -7.63 8.86 9.28
N LYS D 38 -8.83 9.17 9.81
CA LYS D 38 -9.93 9.63 8.97
C LYS D 38 -9.70 11.07 8.50
N ASP D 39 -8.56 11.66 8.87
CA ASP D 39 -8.11 12.95 8.38
C ASP D 39 -7.77 12.88 6.89
N VAL D 40 -7.62 11.65 6.37
CA VAL D 40 -7.28 11.41 4.98
C VAL D 40 -8.21 10.35 4.40
N ALA D 41 -8.14 10.14 3.09
CA ALA D 41 -9.00 9.18 2.41
C ALA D 41 -8.18 8.02 1.85
N VAL D 42 -8.85 6.90 1.60
CA VAL D 42 -8.26 5.71 1.02
C VAL D 42 -9.32 4.98 0.20
N HIS D 43 -9.10 4.91 -1.12
CA HIS D 43 -10.01 4.23 -2.04
C HIS D 43 -9.22 3.44 -3.08
N ARG D 44 -9.84 2.41 -3.64
CA ARG D 44 -9.27 1.55 -4.66
C ARG D 44 -9.35 2.22 -6.03
N GLU D 45 -8.56 1.74 -6.99
CA GLU D 45 -8.56 2.30 -8.34
C GLU D 45 -9.83 1.92 -9.10
N GLU D 46 -10.49 0.82 -8.72
CA GLU D 46 -11.71 0.37 -9.37
C GLU D 46 -12.92 1.19 -8.95
N ILE D 47 -12.77 2.06 -7.95
CA ILE D 47 -13.88 2.81 -7.38
C ILE D 47 -13.54 4.29 -7.18
N TYR D 48 -12.26 4.66 -7.18
CA TYR D 48 -11.91 6.08 -7.16
C TYR D 48 -12.43 6.74 -8.44
N GLN D 49 -12.38 6.00 -9.56
CA GLN D 49 -12.89 6.48 -10.84
C GLN D 49 -14.40 6.34 -10.91
N ARG D 50 -15.00 5.52 -10.04
CA ARG D 50 -16.45 5.34 -9.96
C ARG D 50 -17.11 6.59 -9.40
N ILE D 51 -16.34 7.39 -8.65
CA ILE D 51 -16.78 8.67 -8.13
C ILE D 51 -16.90 9.67 -9.28
N GLN D 52 -15.93 9.66 -10.19
CA GLN D 52 -15.87 10.57 -11.32
C GLN D 52 -16.83 10.15 -12.44
N ALA D 53 -17.56 9.05 -12.26
CA ALA D 53 -18.43 8.53 -13.31
C ALA D 53 -19.84 8.19 -12.79
N MET C 1 -8.08 0.01 9.97
CA MET C 1 -7.49 -0.37 8.69
C MET C 1 -8.58 -0.64 7.65
N LEU C 2 -8.30 -0.35 6.38
CA LEU C 2 -9.21 -0.61 5.28
C LEU C 2 -8.65 -1.75 4.43
N ILE C 3 -9.12 -2.97 4.68
CA ILE C 3 -8.66 -4.17 3.98
C ILE C 3 -9.39 -4.28 2.64
N LEU C 4 -8.71 -4.82 1.63
CA LEU C 4 -9.29 -5.08 0.32
C LEU C 4 -8.68 -6.37 -0.24
N THR C 5 -9.28 -6.92 -1.30
CA THR C 5 -8.77 -8.09 -1.98
C THR C 5 -8.47 -7.68 -3.43
N ARG C 6 -7.33 -7.02 -3.62
CA ARG C 6 -6.95 -6.47 -4.92
C ARG C 6 -6.44 -7.60 -5.83
N LYS C 7 -6.19 -7.30 -7.11
CA LYS C 7 -5.66 -8.28 -8.05
C LYS C 7 -4.36 -7.77 -8.65
N VAL C 8 -3.49 -8.69 -9.09
CA VAL C 8 -2.21 -8.34 -9.68
C VAL C 8 -2.41 -7.42 -10.88
N GLY C 9 -1.74 -6.26 -10.85
CA GLY C 9 -1.77 -5.28 -11.93
C GLY C 9 -2.76 -4.16 -11.69
N GLU C 10 -3.63 -4.31 -10.67
CA GLU C 10 -4.56 -3.26 -10.28
C GLU C 10 -3.90 -2.36 -9.25
N SER C 11 -4.61 -1.32 -8.78
CA SER C 11 -4.01 -0.39 -7.84
C SER C 11 -4.99 0.12 -6.79
N ILE C 12 -4.44 0.92 -5.87
CA ILE C 12 -5.11 1.54 -4.75
C ILE C 12 -4.67 3.00 -4.69
N ASN C 13 -5.41 3.86 -3.99
CA ASN C 13 -5.05 5.25 -3.84
C ASN C 13 -5.21 5.71 -2.40
N ILE C 14 -4.45 6.76 -2.03
CA ILE C 14 -4.49 7.35 -0.70
C ILE C 14 -4.38 8.87 -0.85
N GLY C 15 -4.99 9.61 0.07
CA GLY C 15 -4.98 11.06 0.06
C GLY C 15 -5.49 11.59 -1.28
N ASP C 16 -4.66 12.35 -1.98
CA ASP C 16 -4.99 12.91 -3.29
C ASP C 16 -3.76 12.88 -4.21
N ASP C 17 -2.64 12.32 -3.73
CA ASP C 17 -1.38 12.33 -4.45
C ASP C 17 -0.63 11.00 -4.34
N ILE C 18 -1.22 9.98 -3.71
CA ILE C 18 -0.52 8.73 -3.47
C ILE C 18 -1.24 7.56 -4.15
N THR C 19 -0.46 6.60 -4.65
CA THR C 19 -0.98 5.42 -5.33
C THR C 19 -0.18 4.20 -4.89
N ILE C 20 -0.87 3.08 -4.66
CA ILE C 20 -0.27 1.85 -4.14
C ILE C 20 -0.65 0.69 -5.06
N THR C 21 0.21 0.40 -6.06
CA THR C 21 -0.04 -0.65 -7.02
C THR C 21 0.42 -2.00 -6.49
N ILE C 22 -0.16 -3.09 -7.00
CA ILE C 22 0.24 -4.45 -6.68
C ILE C 22 0.86 -5.05 -7.94
N LEU C 23 2.18 -5.03 -8.02
CA LEU C 23 2.90 -5.40 -9.22
C LEU C 23 2.81 -6.91 -9.45
N GLY C 24 2.69 -7.69 -8.37
CA GLY C 24 2.53 -9.13 -8.51
C GLY C 24 2.95 -9.90 -7.26
N VAL C 25 2.96 -11.23 -7.37
CA VAL C 25 3.31 -12.14 -6.29
C VAL C 25 4.42 -13.07 -6.77
N SER C 26 5.34 -13.40 -5.85
CA SER C 26 6.50 -14.24 -6.14
C SER C 26 6.83 -15.08 -4.91
N GLY C 27 6.34 -16.32 -4.87
CA GLY C 27 6.52 -17.17 -3.70
C GLY C 27 5.76 -16.56 -2.53
N GLN C 28 6.30 -16.73 -1.31
CA GLN C 28 5.71 -16.17 -0.11
C GLN C 28 5.83 -14.63 -0.10
N GLN C 29 6.51 -14.04 -1.08
CA GLN C 29 6.67 -12.59 -1.14
C GLN C 29 5.69 -11.96 -2.11
N VAL C 30 5.56 -10.63 -2.04
CA VAL C 30 4.66 -9.83 -2.86
C VAL C 30 5.35 -8.53 -3.26
N ARG C 31 5.27 -8.20 -4.55
CA ARG C 31 5.82 -6.97 -5.10
C ARG C 31 4.76 -5.88 -5.08
N ILE C 32 4.98 -4.88 -4.23
CA ILE C 32 4.12 -3.71 -4.09
C ILE C 32 4.87 -2.48 -4.59
N GLY C 33 4.15 -1.46 -5.06
CA GLY C 33 4.73 -0.24 -5.60
C GLY C 33 4.08 0.99 -4.97
N ILE C 34 4.81 1.65 -4.06
CA ILE C 34 4.30 2.82 -3.36
C ILE C 34 4.73 4.07 -4.12
N ASN C 35 3.78 4.77 -4.71
CA ASN C 35 4.05 5.98 -5.47
C ASN C 35 3.52 7.20 -4.72
N ALA C 36 4.44 8.02 -4.25
CA ALA C 36 4.14 9.23 -3.50
C ALA C 36 5.17 10.31 -3.84
N PRO C 37 4.82 11.60 -3.67
CA PRO C 37 5.72 12.70 -3.93
C PRO C 37 6.76 12.80 -2.83
N LYS C 38 7.86 13.50 -3.10
CA LYS C 38 8.92 13.73 -2.12
C LYS C 38 8.44 14.62 -0.97
N ASP C 39 7.20 15.10 -1.04
CA ASP C 39 6.59 15.88 0.02
C ASP C 39 6.32 14.99 1.24
N VAL C 40 6.38 13.67 1.05
CA VAL C 40 6.13 12.68 2.09
C VAL C 40 7.20 11.60 2.04
N ALA C 41 7.21 10.71 3.04
CA ALA C 41 8.19 9.65 3.12
C ALA C 41 7.54 8.29 2.91
N VAL C 42 8.36 7.27 2.62
CA VAL C 42 7.93 5.89 2.46
C VAL C 42 9.11 4.98 2.75
N HIS C 43 8.93 4.09 3.73
CA HIS C 43 9.94 3.13 4.15
C HIS C 43 9.27 1.83 4.58
N ARG C 44 10.07 0.79 4.89
CA ARG C 44 9.53 -0.46 5.41
C ARG C 44 9.92 -0.63 6.88
N GLU C 45 9.36 -1.64 7.55
CA GLU C 45 9.50 -1.82 9.00
C GLU C 45 10.95 -1.87 9.45
N GLU C 46 11.79 -2.62 8.73
CA GLU C 46 13.20 -2.79 9.07
C GLU C 46 13.99 -1.51 8.87
N ILE C 47 13.33 -0.42 8.45
CA ILE C 47 13.97 0.83 8.09
C ILE C 47 13.29 2.02 8.75
N TYR C 48 11.98 1.94 9.00
CA TYR C 48 11.26 3.02 9.65
C TYR C 48 11.84 3.26 11.04
N GLN C 49 11.77 2.25 11.90
CA GLN C 49 12.26 2.38 13.28
C GLN C 49 13.77 2.58 13.32
N ARG C 50 14.47 2.27 12.22
CA ARG C 50 15.92 2.44 12.14
C ARG C 50 16.30 3.92 12.06
N ILE C 51 15.34 4.78 11.72
CA ILE C 51 15.55 6.22 11.66
C ILE C 51 15.61 6.79 13.07
N GLN C 52 14.73 6.34 13.96
CA GLN C 52 14.72 6.80 15.35
C GLN C 52 15.81 6.08 16.17
N ALA C 53 16.36 4.99 15.63
CA ALA C 53 17.39 4.20 16.31
C ALA C 53 18.75 4.88 16.30
N MET D 1 8.20 6.05 -8.39
CA MET D 1 7.61 5.03 -7.49
C MET D 1 8.70 4.35 -6.69
N LEU D 2 8.37 3.92 -5.46
CA LEU D 2 9.29 3.19 -4.59
C LEU D 2 8.79 1.76 -4.45
N ILE D 3 9.38 0.85 -5.21
CA ILE D 3 9.01 -0.55 -5.20
C ILE D 3 9.69 -1.24 -4.04
N LEU D 4 8.98 -2.16 -3.38
CA LEU D 4 9.52 -2.97 -2.29
C LEU D 4 8.94 -4.38 -2.40
N THR D 5 9.52 -5.32 -1.64
CA THR D 5 8.99 -6.68 -1.58
C THR D 5 8.70 -7.03 -0.13
N ARG D 6 7.58 -7.71 0.11
CA ARG D 6 7.13 -8.03 1.47
C ARG D 6 6.64 -9.47 1.54
N LYS D 7 7.06 -10.21 2.57
CA LYS D 7 6.52 -11.54 2.84
C LYS D 7 5.13 -11.36 3.43
N VAL D 8 4.31 -12.42 3.39
CA VAL D 8 3.00 -12.40 4.03
C VAL D 8 3.16 -12.09 5.52
N GLY D 9 2.49 -11.04 5.98
CA GLY D 9 2.52 -10.62 7.37
C GLY D 9 3.43 -9.41 7.60
N GLU D 10 4.25 -9.06 6.61
CA GLU D 10 5.12 -7.89 6.70
C GLU D 10 4.34 -6.62 6.34
N SER D 11 4.99 -5.45 6.48
CA SER D 11 4.32 -4.18 6.30
C SER D 11 5.26 -3.12 5.72
N ILE D 12 4.68 -1.97 5.39
CA ILE D 12 5.35 -0.79 4.85
C ILE D 12 4.76 0.43 5.53
N ASN D 13 5.40 1.59 5.39
CA ASN D 13 4.95 2.82 6.03
C ASN D 13 4.98 3.98 5.04
N ILE D 14 4.14 4.98 5.30
CA ILE D 14 4.04 6.18 4.47
C ILE D 14 3.79 7.38 5.38
N GLY D 15 4.28 8.56 4.96
CA GLY D 15 4.14 9.79 5.72
C GLY D 15 4.70 9.61 7.13
N ASP D 16 3.86 9.86 8.14
CA ASP D 16 4.22 9.68 9.54
C ASP D 16 3.06 9.07 10.33
N ASP D 17 1.95 8.75 9.66
CA ASP D 17 0.74 8.24 10.30
C ASP D 17 0.09 7.13 9.50
N ILE D 18 0.70 6.67 8.40
CA ILE D 18 0.09 5.67 7.53
C ILE D 18 0.94 4.40 7.48
N THR D 19 0.27 3.25 7.41
CA THR D 19 0.92 1.95 7.34
C THR D 19 0.19 1.06 6.34
N ILE D 20 0.92 0.22 5.63
CA ILE D 20 0.37 -0.70 4.65
C ILE D 20 0.81 -2.11 5.04
N THR D 21 -0.01 -3.13 4.76
CA THR D 21 0.31 -4.49 5.17
C THR D 21 -0.12 -5.49 4.09
N ILE D 22 0.54 -6.65 4.06
CA ILE D 22 0.20 -7.75 3.17
C ILE D 22 -0.31 -8.90 4.03
N LEU D 23 -1.64 -9.02 4.12
CA LEU D 23 -2.27 -9.97 5.01
C LEU D 23 -2.09 -11.38 4.48
N GLY D 24 -1.96 -11.53 3.16
CA GLY D 24 -1.66 -12.82 2.54
C GLY D 24 -2.06 -12.85 1.07
N VAL D 25 -1.65 -13.92 0.40
CA VAL D 25 -2.01 -14.13 -1.00
C VAL D 25 -3.42 -14.69 -1.11
N SER D 26 -4.00 -14.58 -2.31
CA SER D 26 -5.33 -15.08 -2.62
C SER D 26 -5.34 -15.57 -4.06
N GLY D 27 -4.26 -16.24 -4.46
CA GLY D 27 -4.07 -16.70 -5.83
C GLY D 27 -3.68 -15.53 -6.70
N GLN D 28 -4.44 -15.26 -7.76
CA GLN D 28 -4.21 -14.11 -8.63
C GLN D 28 -4.63 -12.82 -7.91
N GLN D 29 -5.29 -12.96 -6.75
CA GLN D 29 -5.68 -11.83 -5.94
C GLN D 29 -4.77 -11.73 -4.72
N VAL D 30 -4.86 -10.62 -3.98
CA VAL D 30 -3.99 -10.39 -2.83
C VAL D 30 -4.75 -9.63 -1.74
N ARG D 31 -4.77 -10.18 -0.52
CA ARG D 31 -5.32 -9.50 0.65
C ARG D 31 -4.30 -8.50 1.15
N ILE D 32 -4.54 -7.22 0.84
CA ILE D 32 -3.71 -6.10 1.25
C ILE D 32 -4.51 -5.23 2.21
N GLY D 33 -3.84 -4.49 3.08
CA GLY D 33 -4.49 -3.59 4.02
C GLY D 33 -3.86 -2.21 3.97
N ILE D 34 -4.67 -1.18 4.17
CA ILE D 34 -4.24 0.21 4.16
C ILE D 34 -4.73 0.87 5.45
N ASN D 35 -3.80 1.20 6.34
CA ASN D 35 -4.13 1.80 7.63
C ASN D 35 -3.75 3.26 7.66
N ALA D 36 -4.76 4.12 7.67
CA ALA D 36 -4.61 5.56 7.70
C ALA D 36 -5.70 6.16 8.59
N PRO D 37 -5.46 7.34 9.18
CA PRO D 37 -6.43 8.00 10.03
C PRO D 37 -7.60 8.53 9.20
N LYS D 38 -8.73 8.78 9.86
CA LYS D 38 -9.92 9.29 9.20
C LYS D 38 -9.71 10.71 8.69
N ASP D 39 -8.54 11.30 8.97
CA ASP D 39 -8.15 12.62 8.51
C ASP D 39 -7.74 12.60 7.04
N VAL D 40 -7.59 11.41 6.45
CA VAL D 40 -7.22 11.23 5.05
C VAL D 40 -8.13 10.19 4.41
N ALA D 41 -8.01 10.01 3.10
CA ALA D 41 -8.88 9.09 2.37
C ALA D 41 -8.09 7.95 1.75
N VAL D 42 -8.81 6.88 1.41
CA VAL D 42 -8.27 5.69 0.75
C VAL D 42 -9.39 5.07 -0.08
N HIS D 43 -9.12 4.87 -1.37
CA HIS D 43 -10.06 4.26 -2.30
C HIS D 43 -9.32 3.28 -3.21
N ARG D 44 -10.05 2.53 -4.04
CA ARG D 44 -9.47 1.44 -4.79
C ARG D 44 -9.80 1.50 -6.27
N GLU D 45 -8.84 1.08 -7.10
CA GLU D 45 -8.86 1.14 -8.56
C GLU D 45 -9.47 2.42 -9.14
N GLU D 46 -10.80 2.50 -9.26
CA GLU D 46 -11.48 3.64 -9.87
C GLU D 46 -12.60 4.20 -8.99
N ILE D 47 -12.74 3.66 -7.77
CA ILE D 47 -13.77 4.07 -6.82
C ILE D 47 -13.69 5.57 -6.52
N TYR D 48 -12.51 6.18 -6.67
CA TYR D 48 -12.37 7.61 -6.49
C TYR D 48 -13.00 8.38 -7.65
N GLN D 49 -12.60 8.03 -8.88
CA GLN D 49 -13.11 8.70 -10.08
C GLN D 49 -14.60 8.43 -10.29
N ARG D 50 -15.12 7.37 -9.66
CA ARG D 50 -16.53 7.01 -9.74
C ARG D 50 -17.39 8.07 -9.04
N ILE D 51 -16.81 8.84 -8.12
CA ILE D 51 -17.50 9.91 -7.42
C ILE D 51 -17.77 11.07 -8.37
N GLN D 52 -16.83 11.32 -9.28
CA GLN D 52 -16.93 12.40 -10.26
C GLN D 52 -17.97 12.10 -11.34
N ALA D 53 -18.60 10.93 -11.28
CA ALA D 53 -19.63 10.50 -12.22
C ALA D 53 -20.87 9.97 -11.49
N MET C 1 -9.00 -0.04 10.05
CA MET C 1 -8.22 -0.42 8.86
C MET C 1 -9.14 -0.70 7.69
N LEU C 2 -8.76 -0.25 6.48
CA LEU C 2 -9.56 -0.51 5.29
C LEU C 2 -8.92 -1.65 4.51
N ILE C 3 -9.43 -2.87 4.71
CA ILE C 3 -8.92 -4.04 4.01
C ILE C 3 -9.56 -4.09 2.62
N LEU C 4 -8.76 -4.45 1.61
CA LEU C 4 -9.21 -4.60 0.24
C LEU C 4 -8.50 -5.80 -0.38
N THR C 5 -9.03 -6.33 -1.48
CA THR C 5 -8.40 -7.45 -2.18
C THR C 5 -8.24 -7.11 -3.64
N ARG C 6 -7.10 -6.50 -3.98
CA ARG C 6 -6.77 -6.08 -5.34
C ARG C 6 -6.29 -7.26 -6.16
N LYS C 7 -6.02 -7.01 -7.45
CA LYS C 7 -5.48 -8.02 -8.34
C LYS C 7 -4.18 -7.51 -8.96
N VAL C 8 -3.34 -8.42 -9.45
CA VAL C 8 -2.06 -8.07 -10.05
C VAL C 8 -2.25 -7.11 -11.21
N GLY C 9 -1.71 -5.89 -11.07
CA GLY C 9 -1.78 -4.85 -12.08
C GLY C 9 -2.72 -3.72 -11.71
N GLU C 10 -3.48 -3.87 -10.61
CA GLU C 10 -4.39 -2.85 -10.14
C GLU C 10 -3.70 -1.95 -9.11
N SER C 11 -4.41 -0.96 -8.56
CA SER C 11 -3.83 -0.04 -7.59
C SER C 11 -4.83 0.41 -6.52
N ILE C 12 -4.30 1.11 -5.51
CA ILE C 12 -5.05 1.77 -4.45
C ILE C 12 -4.67 3.25 -4.50
N ASN C 13 -5.44 4.12 -3.85
CA ASN C 13 -5.15 5.55 -3.79
C ASN C 13 -5.30 6.06 -2.37
N ILE C 14 -4.35 6.90 -1.94
CA ILE C 14 -4.30 7.43 -0.59
C ILE C 14 -4.01 8.93 -0.65
N GLY C 15 -4.61 9.70 0.27
CA GLY C 15 -4.36 11.13 0.39
C GLY C 15 -4.62 11.93 -0.89
N ASP C 16 -5.24 11.31 -1.90
CA ASP C 16 -5.51 11.90 -3.20
C ASP C 16 -4.24 12.30 -3.96
N ASP C 17 -3.05 11.94 -3.46
CA ASP C 17 -1.77 12.25 -4.11
C ASP C 17 -0.87 11.03 -4.19
N ILE C 18 -1.32 9.88 -3.67
CA ILE C 18 -0.51 8.68 -3.61
C ILE C 18 -1.24 7.52 -4.29
N THR C 19 -0.47 6.58 -4.84
CA THR C 19 -1.00 5.39 -5.49
C THR C 19 -0.17 4.19 -5.06
N ILE C 20 -0.84 3.07 -4.75
CA ILE C 20 -0.18 1.86 -4.29
C ILE C 20 -0.52 0.71 -5.24
N THR C 21 0.28 0.59 -6.31
CA THR C 21 0.08 -0.46 -7.31
C THR C 21 0.54 -1.80 -6.74
N ILE C 22 0.04 -2.90 -7.33
CA ILE C 22 0.45 -4.26 -6.98
C ILE C 22 1.03 -4.90 -8.23
N LEU C 23 2.36 -4.91 -8.33
CA LEU C 23 3.05 -5.34 -9.53
C LEU C 23 2.98 -6.85 -9.69
N GLY C 24 2.82 -7.58 -8.58
CA GLY C 24 2.64 -9.02 -8.66
C GLY C 24 2.95 -9.74 -7.35
N VAL C 25 2.92 -11.06 -7.40
CA VAL C 25 3.16 -11.94 -6.26
C VAL C 25 4.26 -12.94 -6.62
N SER C 26 5.00 -13.41 -5.61
CA SER C 26 6.08 -14.37 -5.78
C SER C 26 6.10 -15.32 -4.58
N GLY C 27 5.14 -16.24 -4.55
CA GLY C 27 4.99 -17.21 -3.48
C GLY C 27 4.78 -16.51 -2.15
N GLN C 28 5.78 -16.61 -1.25
CA GLN C 28 5.73 -16.01 0.07
C GLN C 28 5.85 -14.49 0.01
N GLN C 29 6.17 -13.93 -1.18
CA GLN C 29 6.45 -12.50 -1.29
C GLN C 29 5.44 -11.80 -2.21
N VAL C 30 5.44 -10.46 -2.15
CA VAL C 30 4.54 -9.61 -2.91
C VAL C 30 5.29 -8.34 -3.31
N ARG C 31 5.23 -7.97 -4.60
CA ARG C 31 5.89 -6.78 -5.10
C ARG C 31 4.88 -5.66 -5.30
N ILE C 32 4.96 -4.65 -4.43
CA ILE C 32 4.10 -3.49 -4.41
C ILE C 32 4.83 -2.30 -5.03
N GLY C 33 4.08 -1.32 -5.55
CA GLY C 33 4.62 -0.12 -6.17
C GLY C 33 4.06 1.12 -5.47
N ILE C 34 4.82 1.66 -4.51
CA ILE C 34 4.38 2.79 -3.70
C ILE C 34 4.76 4.10 -4.40
N ASN C 35 3.78 4.78 -4.98
CA ASN C 35 4.01 6.01 -5.71
C ASN C 35 3.47 7.21 -4.95
N ALA C 36 4.37 7.98 -4.37
CA ALA C 36 4.08 9.17 -3.58
C ALA C 36 5.10 10.26 -3.91
N PRO C 37 4.76 11.54 -3.71
CA PRO C 37 5.66 12.64 -3.95
C PRO C 37 6.72 12.70 -2.85
N LYS C 38 7.82 13.42 -3.11
CA LYS C 38 8.89 13.59 -2.13
C LYS C 38 8.45 14.47 -0.97
N ASP C 39 7.21 14.97 -1.00
CA ASP C 39 6.62 15.73 0.09
C ASP C 39 6.26 14.81 1.26
N VAL C 40 6.35 13.50 1.05
CA VAL C 40 6.07 12.50 2.07
C VAL C 40 7.14 11.40 2.03
N ALA C 41 7.13 10.52 3.02
CA ALA C 41 8.11 9.45 3.12
C ALA C 41 7.44 8.09 2.94
N VAL C 42 8.26 7.08 2.64
CA VAL C 42 7.82 5.69 2.46
C VAL C 42 8.98 4.77 2.82
N HIS C 43 8.78 3.94 3.85
CA HIS C 43 9.76 2.96 4.29
C HIS C 43 9.07 1.69 4.77
N ARG C 44 9.83 0.60 4.90
CA ARG C 44 9.31 -0.65 5.44
C ARG C 44 9.43 -0.63 6.97
N GLU C 45 8.80 -1.59 7.64
CA GLU C 45 8.79 -1.62 9.10
C GLU C 45 10.19 -1.82 9.69
N GLU C 46 10.99 -2.69 9.08
CA GLU C 46 12.33 -3.03 9.54
C GLU C 46 13.34 -1.92 9.27
N ILE C 47 12.90 -0.80 8.69
CA ILE C 47 13.78 0.27 8.24
C ILE C 47 13.25 1.64 8.69
N TYR C 48 11.94 1.74 8.93
CA TYR C 48 11.33 2.98 9.40
C TYR C 48 11.88 3.34 10.79
N GLN C 49 11.68 2.46 11.77
CA GLN C 49 12.13 2.69 13.13
C GLN C 49 13.66 2.73 13.22
N ARG C 50 14.35 2.29 12.16
CA ARG C 50 15.81 2.28 12.11
C ARG C 50 16.36 3.69 11.86
N ILE C 51 15.50 4.63 11.46
CA ILE C 51 15.89 6.01 11.20
C ILE C 51 16.13 6.75 12.50
N GLN C 52 15.24 6.57 13.49
CA GLN C 52 15.36 7.24 14.78
C GLN C 52 16.55 6.72 15.59
N ALA C 53 17.17 5.63 15.12
CA ALA C 53 18.31 5.02 15.80
C ALA C 53 19.56 5.88 15.72
N MET D 1 8.32 6.16 -8.53
CA MET D 1 7.68 5.11 -7.71
C MET D 1 8.72 4.35 -6.89
N LEU D 2 8.37 3.94 -5.68
CA LEU D 2 9.25 3.16 -4.82
C LEU D 2 8.73 1.73 -4.73
N ILE D 3 9.37 0.82 -5.46
CA ILE D 3 8.97 -0.57 -5.47
C ILE D 3 9.68 -1.31 -4.33
N LEU D 4 8.98 -2.28 -3.73
CA LEU D 4 9.53 -3.15 -2.71
C LEU D 4 8.96 -4.56 -2.92
N THR D 5 9.60 -5.58 -2.34
CA THR D 5 9.10 -6.95 -2.43
C THR D 5 8.96 -7.51 -1.02
N ARG D 6 7.87 -7.16 -0.34
CA ARG D 6 7.61 -7.57 1.02
C ARG D 6 7.19 -9.03 1.06
N LYS D 7 7.07 -9.58 2.26
CA LYS D 7 6.54 -10.93 2.46
C LYS D 7 5.21 -10.80 3.16
N VAL D 8 4.32 -11.78 3.01
CA VAL D 8 3.00 -11.65 3.61
C VAL D 8 3.09 -11.65 5.13
N GLY D 9 2.18 -10.92 5.75
CA GLY D 9 2.14 -10.72 7.19
C GLY D 9 3.05 -9.57 7.65
N GLU D 10 3.90 -9.06 6.76
CA GLU D 10 4.76 -7.92 7.06
C GLU D 10 4.02 -6.61 6.82
N SER D 11 4.70 -5.47 7.03
CA SER D 11 4.09 -4.16 6.89
C SER D 11 5.00 -3.17 6.17
N ILE D 12 4.41 -2.03 5.80
CA ILE D 12 5.05 -0.88 5.18
C ILE D 12 4.52 0.37 5.89
N ASN D 13 5.20 1.50 5.76
CA ASN D 13 4.76 2.75 6.35
C ASN D 13 4.84 3.89 5.32
N ILE D 14 3.94 4.86 5.47
CA ILE D 14 3.88 6.03 4.58
C ILE D 14 3.57 7.26 5.43
N GLY D 15 4.02 8.42 4.97
CA GLY D 15 3.83 9.69 5.66
C GLY D 15 4.45 9.62 7.06
N ASP D 16 3.60 9.77 8.08
CA ASP D 16 4.05 9.70 9.47
C ASP D 16 3.01 8.98 10.35
N ASP D 17 1.88 8.55 9.76
CA ASP D 17 0.78 7.96 10.52
C ASP D 17 0.13 6.79 9.80
N ILE D 18 0.63 6.39 8.63
CA ILE D 18 -0.02 5.34 7.82
C ILE D 18 0.82 4.07 7.84
N THR D 19 0.13 2.91 7.80
CA THR D 19 0.76 1.61 7.75
C THR D 19 0.02 0.74 6.73
N ILE D 20 0.76 -0.01 5.91
CA ILE D 20 0.18 -0.85 4.87
C ILE D 20 0.60 -2.30 5.12
N THR D 21 -0.25 -3.04 5.83
CA THR D 21 0.03 -4.43 6.20
C THR D 21 -0.49 -5.38 5.11
N ILE D 22 0.42 -6.13 4.48
CA ILE D 22 0.06 -7.14 3.50
C ILE D 22 -0.51 -8.35 4.26
N LEU D 23 -1.82 -8.58 4.16
CA LEU D 23 -2.47 -9.63 4.94
C LEU D 23 -2.14 -10.99 4.34
N GLY D 24 -1.95 -11.05 3.03
CA GLY D 24 -1.44 -12.25 2.38
C GLY D 24 -1.97 -12.46 0.97
N VAL D 25 -1.51 -13.55 0.34
CA VAL D 25 -1.84 -13.89 -1.02
C VAL D 25 -3.31 -14.28 -1.15
N SER D 26 -3.84 -14.20 -2.38
CA SER D 26 -5.21 -14.56 -2.70
C SER D 26 -5.27 -15.07 -4.15
N GLY D 27 -4.23 -15.77 -4.58
CA GLY D 27 -4.11 -16.29 -5.93
C GLY D 27 -3.67 -15.17 -6.87
N GLN D 28 -4.43 -14.93 -7.94
CA GLN D 28 -4.18 -13.80 -8.82
C GLN D 28 -4.51 -12.50 -8.09
N GLN D 29 -5.08 -12.59 -6.89
CA GLN D 29 -5.44 -11.44 -6.08
C GLN D 29 -4.49 -11.29 -4.90
N VAL D 30 -4.58 -10.16 -4.21
CA VAL D 30 -3.74 -9.84 -3.06
C VAL D 30 -4.54 -9.03 -2.04
N ARG D 31 -4.63 -9.53 -0.79
CA ARG D 31 -5.33 -8.82 0.26
C ARG D 31 -4.38 -7.95 1.07
N ILE D 32 -4.56 -6.62 0.96
CA ILE D 32 -3.78 -5.63 1.68
C ILE D 32 -4.68 -4.95 2.72
N GLY D 33 -4.08 -4.46 3.81
CA GLY D 33 -4.78 -3.77 4.88
C GLY D 33 -4.23 -2.36 5.05
N ILE D 34 -4.95 -1.37 4.50
CA ILE D 34 -4.54 0.02 4.58
C ILE D 34 -4.96 0.60 5.92
N ASN D 35 -3.99 0.80 6.83
CA ASN D 35 -4.24 1.37 8.13
C ASN D 35 -3.87 2.85 8.15
N ALA D 36 -4.90 3.69 8.15
CA ALA D 36 -4.73 5.13 8.16
C ALA D 36 -5.85 5.76 8.99
N PRO D 37 -5.60 6.92 9.61
CA PRO D 37 -6.57 7.65 10.39
C PRO D 37 -7.58 8.33 9.46
N LYS D 38 -8.74 8.72 10.01
CA LYS D 38 -9.76 9.42 9.24
C LYS D 38 -9.31 10.82 8.85
N ASP D 39 -8.10 11.22 9.25
CA ASP D 39 -7.50 12.48 8.85
C ASP D 39 -7.16 12.48 7.35
N VAL D 40 -7.17 11.29 6.75
CA VAL D 40 -6.85 11.10 5.35
C VAL D 40 -7.87 10.16 4.71
N ALA D 41 -7.83 10.01 3.38
CA ALA D 41 -8.78 9.17 2.67
C ALA D 41 -8.06 8.01 1.99
N VAL D 42 -8.82 6.95 1.71
CA VAL D 42 -8.32 5.77 1.02
C VAL D 42 -9.45 5.14 0.21
N HIS D 43 -9.19 4.95 -1.09
CA HIS D 43 -10.11 4.33 -2.02
C HIS D 43 -9.33 3.45 -2.99
N ARG D 44 -10.04 2.69 -3.83
CA ARG D 44 -9.41 1.79 -4.79
C ARG D 44 -9.76 2.17 -6.23
N GLU D 45 -9.00 1.62 -7.19
CA GLU D 45 -9.06 2.02 -8.59
C GLU D 45 -10.48 1.99 -9.18
N GLU D 46 -11.26 0.97 -8.82
CA GLU D 46 -12.60 0.78 -9.35
C GLU D 46 -13.62 1.73 -8.72
N ILE D 47 -13.19 2.57 -7.76
CA ILE D 47 -14.08 3.36 -6.93
C ILE D 47 -13.63 4.82 -6.83
N TYR D 48 -12.32 5.09 -6.83
CA TYR D 48 -11.82 6.45 -6.79
C TYR D 48 -12.29 7.20 -8.04
N GLN D 49 -12.27 6.52 -9.18
CA GLN D 49 -12.72 7.09 -10.45
C GLN D 49 -14.25 7.09 -10.52
N ARG D 50 -14.91 6.30 -9.66
CA ARG D 50 -16.37 6.23 -9.61
C ARG D 50 -16.93 7.46 -8.90
N ILE D 51 -16.13 8.10 -8.05
CA ILE D 51 -16.50 9.35 -7.39
C ILE D 51 -16.59 10.44 -8.43
N GLN D 52 -15.60 10.54 -9.31
CA GLN D 52 -15.54 11.55 -10.35
C GLN D 52 -16.58 11.30 -11.45
N ALA D 53 -17.29 10.17 -11.38
CA ALA D 53 -18.24 9.77 -12.41
C ALA D 53 -19.70 10.08 -12.03
N MET C 1 -8.30 0.09 9.88
CA MET C 1 -7.66 -0.38 8.64
C MET C 1 -8.71 -0.69 7.58
N LEU C 2 -8.42 -0.38 6.32
CA LEU C 2 -9.30 -0.66 5.20
C LEU C 2 -8.69 -1.77 4.35
N ILE C 3 -9.15 -3.01 4.56
CA ILE C 3 -8.64 -4.16 3.84
C ILE C 3 -9.33 -4.25 2.48
N LEU C 4 -8.60 -4.76 1.48
CA LEU C 4 -9.14 -5.04 0.15
C LEU C 4 -8.49 -6.32 -0.35
N THR C 5 -9.07 -6.95 -1.37
CA THR C 5 -8.46 -8.12 -2.02
C THR C 5 -8.09 -7.72 -3.45
N ARG C 6 -6.85 -7.26 -3.60
CA ARG C 6 -6.29 -6.79 -4.86
C ARG C 6 -6.09 -7.94 -5.83
N LYS C 7 -5.74 -7.62 -7.07
CA LYS C 7 -5.33 -8.62 -8.07
C LYS C 7 -4.08 -8.10 -8.76
N VAL C 8 -3.23 -9.00 -9.26
CA VAL C 8 -1.98 -8.60 -9.91
C VAL C 8 -2.27 -7.64 -11.06
N GLY C 9 -1.75 -6.42 -10.95
CA GLY C 9 -1.89 -5.38 -11.95
C GLY C 9 -2.87 -4.28 -11.54
N GLU C 10 -3.61 -4.47 -10.45
CA GLU C 10 -4.56 -3.47 -9.97
C GLU C 10 -3.86 -2.40 -9.15
N SER C 11 -4.57 -1.30 -8.86
CA SER C 11 -4.02 -0.18 -8.12
C SER C 11 -5.00 0.35 -7.09
N ILE C 12 -4.49 1.15 -6.15
CA ILE C 12 -5.24 1.85 -5.12
C ILE C 12 -4.70 3.27 -5.05
N ASN C 13 -5.45 4.19 -4.41
CA ASN C 13 -5.01 5.56 -4.28
C ASN C 13 -5.25 6.06 -2.86
N ILE C 14 -4.36 6.94 -2.38
CA ILE C 14 -4.40 7.44 -1.01
C ILE C 14 -4.28 8.96 -1.03
N GLY C 15 -5.05 9.64 -0.17
CA GLY C 15 -5.09 11.08 -0.10
C GLY C 15 -5.46 11.67 -1.46
N ASP C 16 -4.55 12.44 -2.05
CA ASP C 16 -4.75 13.02 -3.38
C ASP C 16 -3.43 13.06 -4.15
N ASP C 17 -2.36 12.51 -3.58
CA ASP C 17 -1.03 12.59 -4.17
C ASP C 17 -0.27 11.26 -4.11
N ILE C 18 -0.88 10.19 -3.59
CA ILE C 18 -0.19 8.91 -3.47
C ILE C 18 -0.98 7.83 -4.20
N THR C 19 -0.26 6.93 -4.90
CA THR C 19 -0.86 5.83 -5.62
C THR C 19 -0.09 4.55 -5.30
N ILE C 20 -0.81 3.42 -5.24
CA ILE C 20 -0.23 2.13 -4.90
C ILE C 20 -0.57 1.13 -5.99
N THR C 21 0.31 0.16 -6.24
CA THR C 21 0.09 -0.85 -7.28
C THR C 21 0.62 -2.20 -6.79
N ILE C 22 0.08 -3.29 -7.35
CA ILE C 22 0.56 -4.64 -7.05
C ILE C 22 1.16 -5.22 -8.33
N LEU C 23 2.50 -5.28 -8.39
CA LEU C 23 3.20 -5.68 -9.59
C LEU C 23 3.12 -7.19 -9.77
N GLY C 24 3.00 -7.92 -8.66
CA GLY C 24 2.78 -9.36 -8.70
C GLY C 24 3.21 -10.05 -7.42
N VAL C 25 2.85 -11.33 -7.30
CA VAL C 25 3.22 -12.15 -6.15
C VAL C 25 4.66 -12.64 -6.30
N SER C 26 5.23 -13.13 -5.20
CA SER C 26 6.59 -13.64 -5.14
C SER C 26 6.67 -14.78 -4.12
N GLY C 27 5.59 -15.57 -4.02
CA GLY C 27 5.50 -16.70 -3.11
C GLY C 27 5.30 -16.21 -1.68
N GLN C 28 6.32 -16.41 -0.84
CA GLN C 28 6.31 -15.92 0.54
C GLN C 28 6.41 -14.40 0.56
N GLN C 29 6.65 -13.78 -0.60
CA GLN C 29 6.77 -12.34 -0.73
C GLN C 29 5.75 -11.81 -1.73
N VAL C 30 5.65 -10.48 -1.82
CA VAL C 30 4.77 -9.80 -2.76
C VAL C 30 5.45 -8.52 -3.24
N ARG C 31 5.58 -8.36 -4.56
CA ARG C 31 6.15 -7.15 -5.13
C ARG C 31 5.08 -6.07 -5.29
N ILE C 32 5.10 -5.11 -4.37
CA ILE C 32 4.18 -3.99 -4.34
C ILE C 32 4.93 -2.73 -4.76
N GLY C 33 4.20 -1.73 -5.27
CA GLY C 33 4.77 -0.46 -5.66
C GLY C 33 4.07 0.67 -4.92
N ILE C 34 4.85 1.65 -4.45
CA ILE C 34 4.35 2.80 -3.71
C ILE C 34 4.83 4.07 -4.41
N ASN C 35 3.89 4.90 -4.86
CA ASN C 35 4.23 6.10 -5.61
C ASN C 35 3.69 7.34 -4.92
N ALA C 36 4.61 8.15 -4.40
CA ALA C 36 4.33 9.39 -3.69
C ALA C 36 5.40 10.41 -4.06
N PRO C 37 5.13 11.72 -3.89
CA PRO C 37 6.13 12.74 -4.14
C PRO C 37 7.22 12.63 -3.09
N LYS C 38 8.42 13.12 -3.40
CA LYS C 38 9.53 13.02 -2.45
C LYS C 38 9.31 13.95 -1.25
N ASP C 39 8.20 14.69 -1.26
CA ASP C 39 7.77 15.54 -0.15
C ASP C 39 7.38 14.69 1.07
N VAL C 40 7.16 13.40 0.86
CA VAL C 40 6.75 12.48 1.92
C VAL C 40 7.66 11.25 1.92
N ALA C 41 7.64 10.49 3.02
CA ALA C 41 8.52 9.34 3.15
C ALA C 41 7.76 8.04 2.87
N VAL C 42 8.52 6.99 2.53
CA VAL C 42 8.00 5.65 2.33
C VAL C 42 9.10 4.65 2.65
N HIS C 43 8.90 3.84 3.69
CA HIS C 43 9.85 2.84 4.12
C HIS C 43 9.13 1.57 4.58
N ARG C 44 9.86 0.45 4.67
CA ARG C 44 9.31 -0.82 5.15
C ARG C 44 9.35 -0.84 6.68
N GLU C 45 8.66 -1.82 7.28
CA GLU C 45 8.57 -1.94 8.74
C GLU C 45 9.92 -2.22 9.39
N GLU C 46 10.79 -2.97 8.72
CA GLU C 46 12.10 -3.34 9.25
C GLU C 46 13.16 -2.25 8.99
N ILE C 47 12.75 -1.11 8.43
CA ILE C 47 13.63 0.00 8.09
C ILE C 47 13.11 1.30 8.70
N TYR C 48 11.81 1.37 9.00
CA TYR C 48 11.24 2.52 9.69
C TYR C 48 11.79 2.57 11.12
N GLN C 49 11.70 1.44 11.84
CA GLN C 49 12.16 1.34 13.22
C GLN C 49 13.67 1.50 13.31
N ARG C 50 14.36 1.45 12.17
CA ARG C 50 15.81 1.57 12.06
C ARG C 50 16.27 3.03 12.08
N ILE C 51 15.46 3.95 12.61
CA ILE C 51 15.74 5.38 12.56
C ILE C 51 15.66 6.06 13.92
N GLN C 52 14.53 5.92 14.62
CA GLN C 52 14.24 6.68 15.84
C GLN C 52 15.22 6.41 16.99
N ALA C 53 15.97 5.31 16.92
CA ALA C 53 16.91 4.95 17.97
C ALA C 53 18.33 5.48 17.68
N MET D 1 8.57 5.99 -8.60
CA MET D 1 7.92 4.98 -7.74
C MET D 1 8.97 4.23 -6.93
N LEU D 2 8.60 3.80 -5.71
CA LEU D 2 9.47 3.03 -4.84
C LEU D 2 8.92 1.62 -4.72
N ILE D 3 9.49 0.68 -5.50
CA ILE D 3 9.05 -0.71 -5.51
C ILE D 3 9.74 -1.47 -4.38
N LEU D 4 9.04 -2.45 -3.80
CA LEU D 4 9.57 -3.31 -2.76
C LEU D 4 9.00 -4.72 -2.97
N THR D 5 9.60 -5.71 -2.30
CA THR D 5 9.15 -7.10 -2.35
C THR D 5 9.01 -7.60 -0.92
N ARG D 6 7.92 -7.18 -0.27
CA ARG D 6 7.70 -7.40 1.16
C ARG D 6 7.29 -8.85 1.44
N LYS D 7 7.76 -9.42 2.55
CA LYS D 7 7.31 -10.74 2.99
C LYS D 7 5.91 -10.58 3.57
N VAL D 8 5.00 -11.53 3.30
CA VAL D 8 3.64 -11.42 3.81
C VAL D 8 3.65 -11.40 5.33
N GLY D 9 2.62 -10.77 5.89
CA GLY D 9 2.46 -10.60 7.33
C GLY D 9 3.27 -9.40 7.86
N GLU D 10 4.16 -8.82 7.05
CA GLU D 10 4.89 -7.62 7.43
C GLU D 10 4.17 -6.38 6.91
N SER D 11 4.78 -5.20 7.04
CA SER D 11 4.13 -3.97 6.61
C SER D 11 5.09 -3.01 5.92
N ILE D 12 4.50 -1.99 5.29
CA ILE D 12 5.18 -0.84 4.70
C ILE D 12 4.60 0.40 5.39
N ASN D 13 5.23 1.55 5.24
CA ASN D 13 4.75 2.77 5.88
C ASN D 13 4.87 3.96 4.93
N ILE D 14 4.02 4.98 5.12
CA ILE D 14 4.03 6.19 4.30
C ILE D 14 3.80 7.39 5.20
N GLY D 15 4.48 8.50 4.90
CA GLY D 15 4.40 9.72 5.68
C GLY D 15 4.79 9.45 7.13
N ASP D 16 3.84 9.63 8.05
CA ASP D 16 4.06 9.38 9.46
C ASP D 16 2.80 8.81 10.13
N ASP D 17 1.73 8.57 9.35
CA ASP D 17 0.45 8.14 9.87
C ASP D 17 -0.21 7.03 9.04
N ILE D 18 0.43 6.57 7.97
CA ILE D 18 -0.16 5.55 7.10
C ILE D 18 0.71 4.29 7.11
N THR D 19 0.05 3.12 7.23
CA THR D 19 0.73 1.84 7.25
C THR D 19 0.04 0.88 6.29
N ILE D 20 0.82 0.08 5.56
CA ILE D 20 0.29 -0.83 4.55
C ILE D 20 0.72 -2.26 4.89
N THR D 21 -0.10 -2.97 5.67
CA THR D 21 0.19 -4.33 6.09
C THR D 21 -0.22 -5.33 5.02
N ILE D 22 0.75 -6.04 4.42
CA ILE D 22 0.46 -7.11 3.48
C ILE D 22 -0.06 -8.31 4.29
N LEU D 23 -1.37 -8.56 4.21
CA LEU D 23 -1.98 -9.63 4.99
C LEU D 23 -1.61 -10.98 4.41
N GLY D 24 -1.32 -10.99 3.11
CA GLY D 24 -0.69 -12.14 2.46
C GLY D 24 -1.23 -12.41 1.06
N VAL D 25 -0.55 -13.33 0.38
CA VAL D 25 -0.89 -13.76 -0.97
C VAL D 25 -2.20 -14.56 -0.95
N SER D 26 -2.95 -14.47 -2.05
CA SER D 26 -4.23 -15.14 -2.23
C SER D 26 -4.32 -15.66 -3.66
N GLY D 27 -3.25 -16.31 -4.13
CA GLY D 27 -3.17 -16.79 -5.50
C GLY D 27 -2.93 -15.60 -6.43
N GLN D 28 -3.70 -15.52 -7.52
CA GLN D 28 -3.64 -14.39 -8.44
C GLN D 28 -4.15 -13.10 -7.77
N GLN D 29 -4.67 -13.21 -6.54
CA GLN D 29 -5.16 -12.06 -5.79
C GLN D 29 -4.25 -11.82 -4.59
N VAL D 30 -4.37 -10.67 -3.94
CA VAL D 30 -3.51 -10.28 -2.83
C VAL D 30 -4.29 -9.46 -1.83
N ARG D 31 -4.44 -9.97 -0.59
CA ARG D 31 -5.12 -9.22 0.45
C ARG D 31 -4.13 -8.27 1.14
N ILE D 32 -4.37 -6.97 1.00
CA ILE D 32 -3.59 -5.93 1.64
C ILE D 32 -4.48 -5.12 2.57
N GLY D 33 -3.89 -4.58 3.65
CA GLY D 33 -4.60 -3.79 4.64
C GLY D 33 -4.05 -2.37 4.69
N ILE D 34 -4.79 -1.42 4.13
CA ILE D 34 -4.39 -0.02 4.08
C ILE D 34 -4.88 0.67 5.34
N ASN D 35 -3.96 1.12 6.20
CA ASN D 35 -4.33 1.75 7.45
C ASN D 35 -3.90 3.22 7.46
N ALA D 36 -4.90 4.11 7.46
CA ALA D 36 -4.71 5.55 7.47
C ALA D 36 -5.79 6.20 8.33
N PRO D 37 -5.56 7.39 8.87
CA PRO D 37 -6.54 8.10 9.67
C PRO D 37 -7.63 8.65 8.76
N LYS D 38 -8.81 8.95 9.32
CA LYS D 38 -9.91 9.47 8.53
C LYS D 38 -9.66 10.91 8.09
N ASP D 39 -8.50 11.46 8.46
CA ASP D 39 -8.05 12.77 7.99
C ASP D 39 -7.64 12.71 6.53
N VAL D 40 -7.55 11.50 5.97
CA VAL D 40 -7.21 11.26 4.58
C VAL D 40 -8.17 10.24 3.98
N ALA D 41 -8.08 10.01 2.67
CA ALA D 41 -8.98 9.09 1.99
C ALA D 41 -8.21 7.92 1.37
N VAL D 42 -8.93 6.85 1.05
CA VAL D 42 -8.37 5.65 0.43
C VAL D 42 -9.47 4.97 -0.39
N HIS D 43 -9.27 4.93 -1.71
CA HIS D 43 -10.22 4.32 -2.64
C HIS D 43 -9.49 3.54 -3.73
N ARG D 44 -10.25 2.72 -4.48
CA ARG D 44 -9.73 1.85 -5.52
C ARG D 44 -9.83 2.47 -6.92
N GLU D 45 -9.98 3.79 -6.99
CA GLU D 45 -10.10 4.58 -8.22
C GLU D 45 -11.45 4.36 -8.92
N GLU D 46 -11.78 3.11 -9.26
CA GLU D 46 -13.05 2.77 -9.92
C GLU D 46 -14.23 3.03 -9.00
N ILE D 47 -13.96 3.51 -7.79
CA ILE D 47 -14.95 3.79 -6.75
C ILE D 47 -14.82 5.23 -6.28
N TYR D 48 -13.71 5.91 -6.63
CA TYR D 48 -13.55 7.32 -6.36
C TYR D 48 -14.21 8.13 -7.48
N GLN D 49 -14.00 7.71 -8.73
CA GLN D 49 -14.58 8.38 -9.89
C GLN D 49 -16.11 8.27 -9.89
N ARG D 50 -16.67 7.37 -9.07
CA ARG D 50 -18.10 7.25 -8.89
C ARG D 50 -18.65 8.50 -8.23
N ILE D 51 -17.92 8.99 -7.21
CA ILE D 51 -18.32 10.14 -6.42
C ILE D 51 -18.24 11.41 -7.27
N GLN D 52 -17.35 11.41 -8.26
CA GLN D 52 -17.19 12.52 -9.19
C GLN D 52 -18.24 12.47 -10.31
N ALA D 53 -19.16 11.50 -10.24
CA ALA D 53 -20.22 11.35 -11.23
C ALA D 53 -21.60 11.22 -10.56
N MET C 1 -8.35 0.17 10.21
CA MET C 1 -7.75 -0.28 8.93
C MET C 1 -8.84 -0.55 7.91
N LEU C 2 -8.55 -0.29 6.63
CA LEU C 2 -9.46 -0.55 5.53
C LEU C 2 -8.85 -1.66 4.67
N ILE C 3 -9.30 -2.90 4.88
CA ILE C 3 -8.78 -4.04 4.16
C ILE C 3 -9.46 -4.15 2.79
N LEU C 4 -8.73 -4.63 1.80
CA LEU C 4 -9.22 -4.81 0.44
C LEU C 4 -8.60 -6.07 -0.14
N THR C 5 -9.16 -6.58 -1.24
CA THR C 5 -8.59 -7.70 -1.97
C THR C 5 -8.39 -7.28 -3.42
N ARG C 6 -7.24 -6.65 -3.70
CA ARG C 6 -6.88 -6.16 -5.01
C ARG C 6 -6.44 -7.33 -5.89
N LYS C 7 -6.16 -7.08 -7.18
CA LYS C 7 -5.68 -8.10 -8.09
C LYS C 7 -4.40 -7.62 -8.76
N VAL C 8 -3.55 -8.55 -9.20
CA VAL C 8 -2.28 -8.23 -9.84
C VAL C 8 -2.49 -7.30 -11.04
N GLY C 9 -1.81 -6.17 -11.03
CA GLY C 9 -1.83 -5.19 -12.12
C GLY C 9 -2.78 -4.03 -11.84
N GLU C 10 -3.59 -4.13 -10.78
CA GLU C 10 -4.51 -3.07 -10.39
C GLU C 10 -3.85 -2.16 -9.35
N SER C 11 -4.58 -1.12 -8.91
CA SER C 11 -4.04 -0.17 -7.94
C SER C 11 -5.06 0.24 -6.89
N ILE C 12 -4.56 1.05 -5.95
CA ILE C 12 -5.26 1.62 -4.81
C ILE C 12 -4.82 3.09 -4.72
N ASN C 13 -5.57 3.93 -4.01
CA ASN C 13 -5.22 5.34 -3.87
C ASN C 13 -5.40 5.80 -2.43
N ILE C 14 -4.64 6.84 -2.02
CA ILE C 14 -4.71 7.38 -0.68
C ILE C 14 -4.61 8.91 -0.74
N GLY C 15 -5.35 9.59 0.14
CA GLY C 15 -5.37 11.04 0.21
C GLY C 15 -5.75 11.64 -1.13
N ASP C 16 -4.88 12.50 -1.66
CA ASP C 16 -5.05 13.14 -2.96
C ASP C 16 -3.71 13.22 -3.69
N ASP C 17 -2.66 12.63 -3.10
CA ASP C 17 -1.30 12.75 -3.61
C ASP C 17 -0.53 11.42 -3.54
N ILE C 18 -1.18 10.33 -3.11
CA ILE C 18 -0.50 9.06 -2.94
C ILE C 18 -1.23 7.95 -3.68
N THR C 19 -0.49 7.03 -4.29
CA THR C 19 -1.05 5.91 -5.03
C THR C 19 -0.26 4.65 -4.71
N ILE C 20 -0.94 3.51 -4.64
CA ILE C 20 -0.33 2.23 -4.33
C ILE C 20 -0.69 1.24 -5.44
N THR C 21 0.18 0.27 -5.73
CA THR C 21 -0.04 -0.66 -6.83
C THR C 21 0.41 -2.06 -6.44
N ILE C 22 -0.09 -3.08 -7.13
CA ILE C 22 0.31 -4.47 -6.90
C ILE C 22 0.89 -5.02 -8.20
N LEU C 23 2.22 -5.02 -8.31
CA LEU C 23 2.90 -5.43 -9.52
C LEU C 23 2.83 -6.93 -9.71
N GLY C 24 2.67 -7.69 -8.61
CA GLY C 24 2.48 -9.12 -8.73
C GLY C 24 2.85 -9.88 -7.46
N VAL C 25 2.84 -11.21 -7.56
CA VAL C 25 3.14 -12.12 -6.48
C VAL C 25 4.28 -13.05 -6.90
N SER C 26 5.10 -13.48 -5.94
CA SER C 26 6.24 -14.35 -6.18
C SER C 26 6.38 -15.30 -5.00
N GLY C 27 5.59 -16.37 -4.99
CA GLY C 27 5.56 -17.32 -3.89
C GLY C 27 5.11 -16.64 -2.61
N GLN C 28 5.93 -16.70 -1.56
CA GLN C 28 5.62 -16.06 -0.29
C GLN C 28 5.79 -14.54 -0.36
N GLN C 29 6.34 -14.03 -1.47
CA GLN C 29 6.57 -12.60 -1.62
C GLN C 29 5.48 -11.95 -2.46
N VAL C 30 5.38 -10.62 -2.38
CA VAL C 30 4.38 -9.82 -3.07
C VAL C 30 4.98 -8.47 -3.47
N ARG C 31 5.27 -8.28 -4.76
CA ARG C 31 5.82 -7.01 -5.22
C ARG C 31 4.73 -5.93 -5.27
N ILE C 32 4.74 -5.07 -4.26
CA ILE C 32 3.85 -3.92 -4.14
C ILE C 32 4.65 -2.67 -4.51
N GLY C 33 3.96 -1.60 -4.90
CA GLY C 33 4.58 -0.33 -5.22
C GLY C 33 3.89 0.80 -4.47
N ILE C 34 4.66 1.82 -4.08
CA ILE C 34 4.17 2.96 -3.32
C ILE C 34 4.64 4.24 -4.01
N ASN C 35 3.69 5.08 -4.43
CA ASN C 35 4.01 6.28 -5.18
C ASN C 35 3.52 7.52 -4.44
N ALA C 36 4.48 8.34 -4.00
CA ALA C 36 4.23 9.58 -3.29
C ALA C 36 5.34 10.57 -3.63
N PRO C 37 5.09 11.88 -3.48
CA PRO C 37 6.09 12.89 -3.74
C PRO C 37 7.15 12.88 -2.64
N LYS C 38 8.30 13.50 -2.89
CA LYS C 38 9.39 13.55 -1.93
C LYS C 38 9.04 14.45 -0.75
N ASP C 39 7.85 15.05 -0.75
CA ASP C 39 7.33 15.85 0.35
C ASP C 39 6.93 14.97 1.52
N VAL C 40 6.91 13.65 1.31
CA VAL C 40 6.58 12.66 2.33
C VAL C 40 7.59 11.52 2.26
N ALA C 41 7.51 10.59 3.22
CA ALA C 41 8.46 9.49 3.29
C ALA C 41 7.73 8.15 3.16
N VAL C 42 8.50 7.10 2.85
CA VAL C 42 8.01 5.74 2.75
C VAL C 42 9.15 4.78 3.11
N HIS C 43 8.88 3.89 4.07
CA HIS C 43 9.85 2.91 4.55
C HIS C 43 9.18 1.57 4.84
N ARG C 44 9.98 0.52 5.04
CA ARG C 44 9.47 -0.83 5.18
C ARG C 44 9.73 -1.42 6.58
N GLU C 45 8.70 -1.32 7.43
CA GLU C 45 8.66 -1.78 8.82
C GLU C 45 9.96 -1.49 9.60
N GLU C 46 10.91 -2.41 9.57
CA GLU C 46 12.15 -2.32 10.35
C GLU C 46 12.95 -1.08 9.96
N ILE C 47 12.90 -0.68 8.69
CA ILE C 47 13.67 0.43 8.16
C ILE C 47 13.23 1.75 8.79
N TYR C 48 11.97 1.85 9.24
CA TYR C 48 11.51 3.07 9.89
C TYR C 48 12.16 3.23 11.26
N GLN C 49 12.17 2.15 12.05
CA GLN C 49 12.75 2.19 13.38
C GLN C 49 14.27 2.22 13.33
N ARG C 50 14.85 1.80 12.19
CA ARG C 50 16.30 1.81 11.98
C ARG C 50 16.81 3.24 11.81
N ILE C 51 15.96 4.15 11.34
CA ILE C 51 16.30 5.56 11.20
C ILE C 51 16.37 6.21 12.57
N GLN C 52 15.50 5.79 13.49
CA GLN C 52 15.43 6.33 14.85
C GLN C 52 16.68 5.99 15.66
N ALA C 53 17.59 5.19 15.11
CA ALA C 53 18.83 4.80 15.76
C ALA C 53 20.02 4.87 14.81
N MET D 1 8.04 6.02 -8.28
CA MET D 1 7.45 5.00 -7.38
C MET D 1 8.54 4.24 -6.65
N LEU D 2 8.27 3.83 -5.40
CA LEU D 2 9.19 3.05 -4.61
C LEU D 2 8.66 1.62 -4.49
N ILE D 3 9.17 0.73 -5.33
CA ILE D 3 8.76 -0.66 -5.37
C ILE D 3 9.48 -1.43 -4.27
N LEU D 4 8.77 -2.36 -3.60
CA LEU D 4 9.32 -3.19 -2.55
C LEU D 4 8.72 -4.59 -2.65
N THR D 5 9.57 -5.62 -2.74
CA THR D 5 9.10 -7.01 -2.80
C THR D 5 8.79 -7.49 -1.39
N ARG D 6 7.59 -7.15 -0.91
CA ARG D 6 7.11 -7.49 0.43
C ARG D 6 6.95 -9.00 0.57
N LYS D 7 6.66 -9.46 1.79
CA LYS D 7 6.31 -10.85 2.05
C LYS D 7 5.11 -10.87 3.00
N VAL D 8 4.34 -11.96 3.01
CA VAL D 8 3.15 -12.06 3.82
C VAL D 8 3.48 -11.80 5.30
N GLY D 9 2.82 -10.79 5.86
CA GLY D 9 2.98 -10.40 7.27
C GLY D 9 3.86 -9.18 7.46
N GLU D 10 4.56 -8.73 6.40
CA GLU D 10 5.41 -7.55 6.48
C GLU D 10 4.57 -6.28 6.39
N SER D 11 5.17 -5.13 6.73
CA SER D 11 4.46 -3.85 6.71
C SER D 11 5.31 -2.75 6.08
N ILE D 12 4.66 -1.62 5.83
CA ILE D 12 5.27 -0.39 5.30
C ILE D 12 4.63 0.80 6.03
N ASN D 13 5.30 1.96 5.97
CA ASN D 13 4.77 3.18 6.54
C ASN D 13 4.86 4.30 5.50
N ILE D 14 3.95 5.26 5.59
CA ILE D 14 3.92 6.41 4.70
C ILE D 14 3.63 7.67 5.50
N GLY D 15 4.18 8.81 5.05
CA GLY D 15 4.01 10.08 5.72
C GLY D 15 4.50 9.99 7.17
N ASP D 16 3.59 10.17 8.12
CA ASP D 16 3.90 10.06 9.54
C ASP D 16 2.73 9.45 10.32
N ASP D 17 1.65 9.06 9.63
CA ASP D 17 0.45 8.56 10.28
C ASP D 17 -0.18 7.38 9.52
N ILE D 18 0.46 6.89 8.46
CA ILE D 18 -0.11 5.83 7.63
C ILE D 18 0.72 4.56 7.74
N THR D 19 0.05 3.40 7.71
CA THR D 19 0.71 2.11 7.76
C THR D 19 0.03 1.16 6.78
N ILE D 20 0.82 0.34 6.08
CA ILE D 20 0.32 -0.62 5.12
C ILE D 20 0.79 -2.02 5.54
N THR D 21 -0.03 -3.05 5.32
CA THR D 21 0.33 -4.41 5.68
C THR D 21 -0.15 -5.37 4.59
N ILE D 22 0.63 -6.43 4.33
CA ILE D 22 0.26 -7.46 3.36
C ILE D 22 -0.29 -8.65 4.15
N LEU D 23 -1.63 -8.75 4.21
CA LEU D 23 -2.29 -9.73 5.04
C LEU D 23 -2.12 -11.14 4.46
N GLY D 24 -1.95 -11.23 3.14
CA GLY D 24 -1.64 -12.50 2.52
C GLY D 24 -2.04 -12.54 1.04
N VAL D 25 -1.59 -13.59 0.35
CA VAL D 25 -1.93 -13.81 -1.05
C VAL D 25 -3.34 -14.36 -1.15
N SER D 26 -3.92 -14.29 -2.35
CA SER D 26 -5.26 -14.77 -2.64
C SER D 26 -5.31 -15.30 -4.07
N GLY D 27 -4.25 -15.99 -4.49
CA GLY D 27 -4.12 -16.50 -5.84
C GLY D 27 -3.72 -15.38 -6.78
N GLN D 28 -4.51 -15.13 -7.83
CA GLN D 28 -4.30 -14.01 -8.72
C GLN D 28 -4.65 -12.70 -8.01
N GLN D 29 -5.26 -12.80 -6.81
CA GLN D 29 -5.63 -11.64 -6.01
C GLN D 29 -4.68 -11.50 -4.82
N VAL D 30 -4.76 -10.38 -4.10
CA VAL D 30 -3.91 -10.11 -2.96
C VAL D 30 -4.67 -9.31 -1.91
N ARG D 31 -4.73 -9.82 -0.67
CA ARG D 31 -5.38 -9.10 0.42
C ARG D 31 -4.36 -8.19 1.11
N ILE D 32 -4.54 -6.89 0.92
CA ILE D 32 -3.71 -5.84 1.53
C ILE D 32 -4.56 -5.05 2.52
N GLY D 33 -3.91 -4.44 3.52
CA GLY D 33 -4.59 -3.62 4.52
C GLY D 33 -3.99 -2.23 4.55
N ILE D 34 -4.82 -1.21 4.32
CA ILE D 34 -4.39 0.17 4.33
C ILE D 34 -4.90 0.83 5.60
N ASN D 35 -3.99 1.36 6.42
CA ASN D 35 -4.36 1.97 7.69
C ASN D 35 -3.92 3.42 7.75
N ALA D 36 -4.92 4.31 7.76
CA ALA D 36 -4.73 5.75 7.81
C ALA D 36 -5.83 6.35 8.69
N PRO D 37 -5.61 7.55 9.25
CA PRO D 37 -6.62 8.22 10.05
C PRO D 37 -7.79 8.63 9.15
N LYS D 38 -8.97 8.82 9.73
CA LYS D 38 -10.14 9.20 8.96
C LYS D 38 -10.04 10.63 8.45
N ASP D 39 -8.93 11.30 8.76
CA ASP D 39 -8.60 12.63 8.26
C ASP D 39 -8.26 12.58 6.77
N VAL D 40 -7.99 11.39 6.24
CA VAL D 40 -7.62 11.20 4.84
C VAL D 40 -8.48 10.10 4.21
N ALA D 41 -8.39 9.95 2.89
CA ALA D 41 -9.22 8.98 2.18
C ALA D 41 -8.39 7.81 1.68
N VAL D 42 -9.06 6.69 1.38
CA VAL D 42 -8.46 5.49 0.82
C VAL D 42 -9.52 4.72 0.04
N HIS D 43 -9.28 4.56 -1.27
CA HIS D 43 -10.20 3.87 -2.17
C HIS D 43 -9.42 3.06 -3.21
N ARG D 44 -10.11 2.16 -3.92
CA ARG D 44 -9.51 1.38 -5.01
C ARG D 44 -9.62 2.13 -6.33
N GLU D 45 -8.97 1.61 -7.37
CA GLU D 45 -8.92 2.20 -8.69
C GLU D 45 -10.32 2.40 -9.30
N GLU D 46 -11.13 1.33 -9.34
CA GLU D 46 -12.46 1.37 -9.95
C GLU D 46 -13.52 1.98 -9.03
N ILE D 47 -13.09 2.53 -7.89
CA ILE D 47 -13.98 3.12 -6.90
C ILE D 47 -13.65 4.60 -6.70
N TYR D 48 -12.37 4.96 -6.78
CA TYR D 48 -11.95 6.35 -6.66
C TYR D 48 -12.44 7.13 -7.88
N GLN D 49 -12.20 6.59 -9.08
CA GLN D 49 -12.62 7.24 -10.31
C GLN D 49 -14.13 7.21 -10.46
N ARG D 50 -14.81 6.34 -9.70
CA ARG D 50 -16.27 6.23 -9.72
C ARG D 50 -16.90 7.42 -9.00
N ILE D 51 -16.15 8.09 -8.14
CA ILE D 51 -16.62 9.30 -7.47
C ILE D 51 -16.70 10.43 -8.49
N GLN D 52 -15.75 10.44 -9.44
CA GLN D 52 -15.67 11.45 -10.49
C GLN D 52 -16.64 11.16 -11.63
N ALA D 53 -17.39 10.06 -11.55
CA ALA D 53 -18.30 9.64 -12.62
C ALA D 53 -19.68 9.23 -12.11
N MET C 1 -8.08 -0.47 10.29
CA MET C 1 -7.52 -0.61 8.93
C MET C 1 -8.61 -0.95 7.92
N LEU C 2 -8.42 -0.50 6.67
CA LEU C 2 -9.35 -0.75 5.58
C LEU C 2 -8.78 -1.86 4.69
N ILE C 3 -9.37 -3.05 4.77
CA ILE C 3 -8.92 -4.20 4.00
C ILE C 3 -9.62 -4.20 2.65
N LEU C 4 -8.90 -4.62 1.60
CA LEU C 4 -9.40 -4.71 0.25
C LEU C 4 -8.80 -5.93 -0.44
N THR C 5 -9.38 -6.33 -1.58
CA THR C 5 -8.84 -7.41 -2.40
C THR C 5 -8.51 -6.86 -3.77
N ARG C 6 -7.38 -7.26 -4.35
CA ARG C 6 -6.92 -6.74 -5.63
C ARG C 6 -6.33 -7.88 -6.46
N LYS C 7 -6.00 -7.57 -7.73
CA LYS C 7 -5.33 -8.50 -8.62
C LYS C 7 -3.98 -7.93 -9.03
N VAL C 8 -3.10 -8.77 -9.57
CA VAL C 8 -1.80 -8.36 -10.05
C VAL C 8 -1.98 -7.34 -11.18
N GLY C 9 -1.49 -6.12 -10.97
CA GLY C 9 -1.57 -5.03 -11.95
C GLY C 9 -2.59 -3.97 -11.53
N GLU C 10 -3.38 -4.23 -10.49
CA GLU C 10 -4.34 -3.27 -9.96
C GLU C 10 -3.64 -2.27 -9.06
N SER C 11 -4.39 -1.32 -8.49
CA SER C 11 -3.84 -0.31 -7.60
C SER C 11 -4.82 0.06 -6.49
N ILE C 12 -4.32 0.81 -5.50
CA ILE C 12 -5.06 1.40 -4.40
C ILE C 12 -4.71 2.88 -4.37
N ASN C 13 -5.49 3.71 -3.67
CA ASN C 13 -5.20 5.13 -3.62
C ASN C 13 -5.41 5.67 -2.21
N ILE C 14 -4.56 6.62 -1.79
CA ILE C 14 -4.62 7.21 -0.47
C ILE C 14 -4.23 8.69 -0.54
N GLY C 15 -4.82 9.51 0.34
CA GLY C 15 -4.45 10.92 0.49
C GLY C 15 -4.64 11.75 -0.78
N ASP C 16 -5.28 11.18 -1.82
CA ASP C 16 -5.50 11.82 -3.11
C ASP C 16 -4.20 12.17 -3.86
N ASP C 17 -3.04 11.80 -3.33
CA ASP C 17 -1.75 12.05 -3.97
C ASP C 17 -0.85 10.80 -3.95
N ILE C 18 -1.34 9.69 -3.39
CA ILE C 18 -0.55 8.48 -3.27
C ILE C 18 -1.30 7.31 -3.91
N THR C 19 -0.57 6.47 -4.64
CA THR C 19 -1.13 5.31 -5.32
C THR C 19 -0.27 4.09 -5.00
N ILE C 20 -0.91 2.96 -4.68
CA ILE C 20 -0.21 1.77 -4.27
C ILE C 20 -0.53 0.62 -5.23
N THR C 21 0.34 0.41 -6.21
CA THR C 21 0.18 -0.64 -7.20
C THR C 21 0.59 -1.99 -6.62
N ILE C 22 0.15 -3.09 -7.23
CA ILE C 22 0.53 -4.45 -6.86
C ILE C 22 1.12 -5.11 -8.10
N LEU C 23 2.45 -5.09 -8.20
CA LEU C 23 3.16 -5.49 -9.40
C LEU C 23 3.12 -7.01 -9.59
N GLY C 24 2.96 -7.77 -8.50
CA GLY C 24 2.84 -9.21 -8.61
C GLY C 24 3.12 -9.94 -7.30
N VAL C 25 3.15 -11.27 -7.39
CA VAL C 25 3.37 -12.16 -6.25
C VAL C 25 4.51 -13.12 -6.57
N SER C 26 5.21 -13.58 -5.54
CA SER C 26 6.32 -14.51 -5.65
C SER C 26 6.31 -15.46 -4.46
N GLY C 27 5.38 -16.43 -4.50
CA GLY C 27 5.21 -17.40 -3.42
C GLY C 27 4.84 -16.69 -2.13
N GLN C 28 5.70 -16.79 -1.11
CA GLN C 28 5.48 -16.18 0.18
C GLN C 28 5.70 -14.66 0.14
N GLN C 29 6.10 -14.11 -1.01
CA GLN C 29 6.41 -12.69 -1.13
C GLN C 29 5.46 -12.00 -2.09
N VAL C 30 5.42 -10.66 -2.03
CA VAL C 30 4.53 -9.82 -2.83
C VAL C 30 5.24 -8.52 -3.20
N ARG C 31 5.31 -8.22 -4.51
CA ARG C 31 5.95 -7.00 -4.99
C ARG C 31 4.92 -5.89 -5.15
N ILE C 32 5.00 -4.91 -4.23
CA ILE C 32 4.13 -3.74 -4.20
C ILE C 32 4.91 -2.55 -4.77
N GLY C 33 4.19 -1.51 -5.23
CA GLY C 33 4.80 -0.32 -5.81
C GLY C 33 4.15 0.94 -5.25
N ILE C 34 4.86 1.64 -4.34
CA ILE C 34 4.36 2.85 -3.72
C ILE C 34 4.67 4.05 -4.61
N ASN C 35 3.63 4.79 -5.00
CA ASN C 35 3.76 5.99 -5.82
C ASN C 35 3.35 7.20 -5.00
N ALA C 36 4.35 7.98 -4.57
CA ALA C 36 4.14 9.19 -3.79
C ALA C 36 5.19 10.23 -4.19
N PRO C 37 4.89 11.53 -4.02
CA PRO C 37 5.84 12.59 -4.31
C PRO C 37 6.92 12.63 -3.24
N LYS C 38 8.04 13.31 -3.53
CA LYS C 38 9.14 13.45 -2.58
C LYS C 38 8.74 14.39 -1.43
N ASP C 39 7.53 14.93 -1.46
CA ASP C 39 7.00 15.76 -0.40
C ASP C 39 6.63 14.91 0.82
N VAL C 40 6.65 13.58 0.65
CA VAL C 40 6.36 12.63 1.72
C VAL C 40 7.39 11.50 1.68
N ALA C 41 7.37 10.64 2.70
CA ALA C 41 8.33 9.55 2.80
C ALA C 41 7.64 8.20 2.72
N VAL C 42 8.43 7.17 2.40
CA VAL C 42 7.97 5.79 2.29
C VAL C 42 9.11 4.85 2.65
N HIS C 43 8.92 4.08 3.71
CA HIS C 43 9.89 3.10 4.19
C HIS C 43 9.18 1.85 4.70
N ARG C 44 9.90 0.72 4.78
CA ARG C 44 9.37 -0.52 5.33
C ARG C 44 9.43 -0.48 6.85
N GLU C 45 8.76 -1.42 7.52
CA GLU C 45 8.71 -1.41 8.98
C GLU C 45 10.08 -1.70 9.61
N GLU C 46 10.95 -2.43 8.89
CA GLU C 46 12.27 -2.80 9.38
C GLU C 46 13.28 -1.66 9.18
N ILE C 47 12.83 -0.55 8.58
CA ILE C 47 13.70 0.55 8.18
C ILE C 47 13.14 1.88 8.68
N TYR C 48 11.82 1.96 8.90
CA TYR C 48 11.20 3.11 9.54
C TYR C 48 11.63 3.16 11.00
N GLN C 49 11.65 2.00 11.65
CA GLN C 49 12.09 1.83 13.04
C GLN C 49 13.61 1.93 13.15
N ARG C 50 14.27 2.45 12.11
CA ARG C 50 15.72 2.55 12.00
C ARG C 50 16.16 4.01 11.80
N ILE C 51 15.25 4.95 12.03
CA ILE C 51 15.46 6.37 11.73
C ILE C 51 15.40 7.26 12.98
N GLN C 52 14.30 7.16 13.75
CA GLN C 52 14.00 8.01 14.89
C GLN C 52 15.03 7.96 16.03
N ALA C 53 16.06 7.11 15.93
CA ALA C 53 17.01 6.91 17.00
C ALA C 53 18.46 7.09 16.53
N MET D 1 8.34 5.75 -8.71
CA MET D 1 7.75 4.73 -7.83
C MET D 1 8.83 4.07 -6.98
N LEU D 2 8.48 3.70 -5.74
CA LEU D 2 9.40 2.98 -4.86
C LEU D 2 8.90 1.55 -4.71
N ILE D 3 9.47 0.63 -5.48
CA ILE D 3 9.07 -0.76 -5.47
C ILE D 3 9.74 -1.48 -4.29
N LEU D 4 9.00 -2.41 -3.67
CA LEU D 4 9.51 -3.26 -2.60
C LEU D 4 8.89 -4.64 -2.77
N THR D 5 9.47 -5.67 -2.13
CA THR D 5 8.93 -7.02 -2.19
C THR D 5 8.71 -7.53 -0.76
N ARG D 6 7.57 -7.19 -0.18
CA ARG D 6 7.21 -7.59 1.17
C ARG D 6 6.87 -9.07 1.22
N LYS D 7 6.59 -9.57 2.43
CA LYS D 7 6.22 -10.96 2.65
C LYS D 7 4.93 -11.00 3.45
N VAL D 8 4.19 -12.10 3.37
CA VAL D 8 2.90 -12.24 4.03
C VAL D 8 3.02 -11.94 5.54
N GLY D 9 2.32 -10.91 5.99
CA GLY D 9 2.28 -10.51 7.39
C GLY D 9 3.17 -9.30 7.68
N GLU D 10 3.99 -8.86 6.72
CA GLU D 10 4.84 -7.69 6.89
C GLU D 10 4.08 -6.42 6.52
N SER D 11 4.69 -5.27 6.78
CA SER D 11 4.06 -3.97 6.58
C SER D 11 5.01 -2.95 5.96
N ILE D 12 4.43 -1.80 5.57
CA ILE D 12 5.11 -0.64 5.02
C ILE D 12 4.59 0.60 5.74
N ASN D 13 5.30 1.72 5.65
CA ASN D 13 4.90 2.98 6.25
C ASN D 13 5.05 4.11 5.25
N ILE D 14 4.12 5.06 5.30
CA ILE D 14 4.10 6.20 4.38
C ILE D 14 3.62 7.45 5.12
N GLY D 15 4.07 8.63 4.70
CA GLY D 15 3.60 9.91 5.22
C GLY D 15 3.78 10.09 6.72
N ASP D 16 4.52 9.18 7.38
CA ASP D 16 4.76 9.20 8.82
C ASP D 16 3.49 9.03 9.65
N ASP D 17 2.33 8.81 9.02
CA ASP D 17 1.07 8.60 9.72
C ASP D 17 0.25 7.46 9.12
N ILE D 18 0.79 6.78 8.09
CA ILE D 18 0.08 5.73 7.40
C ILE D 18 0.89 4.43 7.45
N THR D 19 0.19 3.30 7.46
CA THR D 19 0.80 1.98 7.46
C THR D 19 0.03 1.10 6.49
N ILE D 20 0.75 0.26 5.74
CA ILE D 20 0.15 -0.65 4.78
C ILE D 20 0.56 -2.07 5.17
N THR D 21 -0.26 -3.07 4.85
CA THR D 21 0.02 -4.44 5.24
C THR D 21 -0.34 -5.40 4.12
N ILE D 22 0.37 -6.54 4.04
CA ILE D 22 0.08 -7.61 3.10
C ILE D 22 -0.46 -8.79 3.89
N LEU D 23 -1.79 -8.92 3.91
CA LEU D 23 -2.45 -9.90 4.75
C LEU D 23 -2.21 -11.31 4.23
N GLY D 24 -2.04 -11.45 2.92
CA GLY D 24 -1.72 -12.75 2.32
C GLY D 24 -1.97 -12.78 0.82
N VAL D 25 -1.59 -13.89 0.20
CA VAL D 25 -1.75 -14.09 -1.23
C VAL D 25 -3.00 -14.91 -1.52
N SER D 26 -3.49 -14.84 -2.76
CA SER D 26 -4.68 -15.53 -3.22
C SER D 26 -4.56 -15.86 -4.71
N GLY D 27 -3.39 -16.33 -5.13
CA GLY D 27 -3.14 -16.67 -6.53
C GLY D 27 -2.97 -15.40 -7.36
N GLN D 28 -3.77 -15.26 -8.42
CA GLN D 28 -3.71 -14.08 -9.27
C GLN D 28 -4.26 -12.86 -8.54
N GLN D 29 -4.85 -13.06 -7.35
CA GLN D 29 -5.36 -11.97 -6.53
C GLN D 29 -4.66 -11.95 -5.17
N VAL D 30 -4.86 -10.88 -4.41
CA VAL D 30 -4.12 -10.63 -3.17
C VAL D 30 -5.02 -9.96 -2.14
N ARG D 31 -4.68 -10.13 -0.86
CA ARG D 31 -5.36 -9.48 0.26
C ARG D 31 -4.42 -8.48 0.90
N ILE D 32 -4.73 -7.19 0.72
CA ILE D 32 -3.93 -6.08 1.20
C ILE D 32 -4.76 -5.25 2.19
N GLY D 33 -4.09 -4.49 3.05
CA GLY D 33 -4.76 -3.62 4.01
C GLY D 33 -4.06 -2.28 4.10
N ILE D 34 -4.78 -1.27 4.59
CA ILE D 34 -4.30 0.10 4.70
C ILE D 34 -4.70 0.62 6.08
N ASN D 35 -3.88 1.48 6.68
CA ASN D 35 -4.16 2.04 7.99
C ASN D 35 -3.73 3.50 8.06
N ALA D 36 -4.74 4.38 8.14
CA ALA D 36 -4.56 5.82 8.23
C ALA D 36 -5.69 6.40 9.06
N PRO D 37 -5.55 7.61 9.61
CA PRO D 37 -6.60 8.26 10.35
C PRO D 37 -7.72 8.68 9.39
N LYS D 38 -8.91 8.98 9.94
CA LYS D 38 -10.03 9.43 9.12
C LYS D 38 -9.79 10.85 8.60
N ASP D 39 -8.66 11.45 8.98
CA ASP D 39 -8.23 12.76 8.48
C ASP D 39 -7.88 12.68 7.00
N VAL D 40 -7.71 11.46 6.48
CA VAL D 40 -7.35 11.22 5.09
C VAL D 40 -8.27 10.15 4.50
N ALA D 41 -8.20 9.96 3.18
CA ALA D 41 -9.06 9.01 2.50
C ALA D 41 -8.24 7.85 1.93
N VAL D 42 -8.92 6.70 1.75
CA VAL D 42 -8.33 5.51 1.15
C VAL D 42 -9.42 4.78 0.37
N HIS D 43 -9.16 4.60 -0.93
CA HIS D 43 -10.09 3.96 -1.85
C HIS D 43 -9.34 3.08 -2.84
N ARG D 44 -10.07 2.38 -3.73
CA ARG D 44 -9.48 1.52 -4.73
C ARG D 44 -9.87 1.98 -6.14
N GLU D 45 -9.16 1.49 -7.16
CA GLU D 45 -9.26 2.00 -8.52
C GLU D 45 -10.68 1.93 -9.09
N GLU D 46 -11.44 0.90 -8.71
CA GLU D 46 -12.81 0.72 -9.20
C GLU D 46 -13.78 1.69 -8.52
N ILE D 47 -13.29 2.50 -7.59
CA ILE D 47 -14.10 3.33 -6.71
C ILE D 47 -13.56 4.76 -6.65
N TYR D 48 -12.27 4.96 -6.93
CA TYR D 48 -11.69 6.29 -7.02
C TYR D 48 -12.24 7.02 -8.25
N GLN D 49 -12.37 6.30 -9.36
CA GLN D 49 -12.87 6.82 -10.63
C GLN D 49 -14.39 7.07 -10.57
N ARG D 50 -14.96 7.05 -9.37
CA ARG D 50 -16.40 7.21 -9.14
C ARG D 50 -16.68 8.32 -8.11
N ILE D 51 -15.64 9.00 -7.62
CA ILE D 51 -15.78 10.02 -6.59
C ILE D 51 -15.88 11.44 -7.16
N GLN D 52 -14.96 11.78 -8.07
CA GLN D 52 -14.77 13.11 -8.65
C GLN D 52 -16.00 13.73 -9.32
N ALA D 53 -17.11 13.00 -9.45
CA ALA D 53 -18.28 13.50 -10.17
C ALA D 53 -19.59 13.29 -9.42
N MET C 1 -8.17 0.30 10.20
CA MET C 1 -7.55 -0.06 8.91
C MET C 1 -8.61 -0.37 7.88
N LEU C 2 -8.33 -0.09 6.61
CA LEU C 2 -9.23 -0.37 5.49
C LEU C 2 -8.60 -1.46 4.63
N ILE C 3 -9.04 -2.70 4.84
CA ILE C 3 -8.53 -3.86 4.13
C ILE C 3 -9.28 -3.99 2.81
N LEU C 4 -8.55 -4.20 1.72
CA LEU C 4 -9.13 -4.43 0.40
C LEU C 4 -8.36 -5.55 -0.29
N THR C 5 -8.89 -6.04 -1.41
CA THR C 5 -8.20 -7.04 -2.22
C THR C 5 -7.94 -6.46 -3.59
N ARG C 6 -6.80 -6.79 -4.20
CA ARG C 6 -6.40 -6.21 -5.48
C ARG C 6 -5.78 -7.27 -6.38
N LYS C 7 -6.16 -7.29 -7.67
CA LYS C 7 -5.56 -8.20 -8.63
C LYS C 7 -4.17 -7.67 -8.98
N VAL C 8 -3.25 -8.58 -9.34
CA VAL C 8 -1.92 -8.19 -9.79
C VAL C 8 -2.06 -7.29 -11.02
N GLY C 9 -1.30 -6.20 -11.06
CA GLY C 9 -1.29 -5.28 -12.18
C GLY C 9 -2.23 -4.08 -11.97
N GLU C 10 -2.95 -4.05 -10.85
CA GLU C 10 -3.84 -2.94 -10.52
C GLU C 10 -3.24 -2.11 -9.39
N SER C 11 -3.97 -1.08 -8.91
CA SER C 11 -3.47 -0.22 -7.85
C SER C 11 -4.59 0.22 -6.90
N ILE C 12 -4.19 0.87 -5.81
CA ILE C 12 -5.05 1.49 -4.81
C ILE C 12 -4.58 2.92 -4.60
N ASN C 13 -5.39 3.76 -3.95
CA ASN C 13 -5.04 5.16 -3.75
C ASN C 13 -5.17 5.57 -2.30
N ILE C 14 -4.44 6.64 -1.94
CA ILE C 14 -4.49 7.25 -0.63
C ILE C 14 -4.37 8.76 -0.81
N GLY C 15 -5.03 9.53 0.08
CA GLY C 15 -5.03 10.98 -0.01
C GLY C 15 -5.51 11.41 -1.40
N ASP C 16 -4.71 12.23 -2.07
CA ASP C 16 -4.99 12.67 -3.44
C ASP C 16 -3.70 12.72 -4.28
N ASP C 17 -2.58 12.24 -3.71
CA ASP C 17 -1.28 12.25 -4.37
C ASP C 17 -0.54 10.92 -4.19
N ILE C 18 -1.16 9.92 -3.54
CA ILE C 18 -0.48 8.66 -3.25
C ILE C 18 -1.19 7.49 -3.94
N THR C 19 -0.41 6.52 -4.41
CA THR C 19 -0.92 5.32 -5.08
C THR C 19 -0.11 4.11 -4.64
N ILE C 20 -0.78 2.97 -4.49
CA ILE C 20 -0.16 1.73 -4.03
C ILE C 20 -0.43 0.63 -5.07
N THR C 21 0.51 0.43 -5.99
CA THR C 21 0.39 -0.58 -7.04
C THR C 21 0.80 -1.95 -6.52
N ILE C 22 0.35 -3.01 -7.21
CA ILE C 22 0.73 -4.39 -6.94
C ILE C 22 1.33 -4.98 -8.21
N LEU C 23 2.67 -5.07 -8.26
CA LEU C 23 3.37 -5.49 -9.46
C LEU C 23 3.25 -7.00 -9.63
N GLY C 24 3.06 -7.75 -8.54
CA GLY C 24 2.75 -9.16 -8.64
C GLY C 24 3.23 -9.98 -7.45
N VAL C 25 2.81 -11.24 -7.42
CA VAL C 25 3.19 -12.20 -6.39
C VAL C 25 4.62 -12.67 -6.62
N SER C 26 5.20 -13.27 -5.59
CA SER C 26 6.54 -13.83 -5.60
C SER C 26 6.58 -15.02 -4.63
N GLY C 27 5.51 -15.81 -4.62
CA GLY C 27 5.36 -16.96 -3.74
C GLY C 27 5.03 -16.48 -2.33
N GLN C 28 5.94 -16.73 -1.39
CA GLN C 28 5.78 -16.26 -0.01
C GLN C 28 5.99 -14.75 0.04
N GLN C 29 6.43 -14.14 -1.07
CA GLN C 29 6.68 -12.71 -1.14
C GLN C 29 5.72 -12.04 -2.12
N VAL C 30 5.71 -10.70 -2.10
CA VAL C 30 4.86 -9.89 -2.96
C VAL C 30 5.58 -8.60 -3.32
N ARG C 31 5.63 -8.26 -4.62
CA ARG C 31 6.23 -7.03 -5.09
C ARG C 31 5.16 -5.94 -5.19
N ILE C 32 5.24 -4.98 -4.27
CA ILE C 32 4.32 -3.85 -4.17
C ILE C 32 5.05 -2.58 -4.63
N GLY C 33 4.30 -1.56 -5.04
CA GLY C 33 4.86 -0.31 -5.52
C GLY C 33 4.22 0.89 -4.83
N ILE C 34 4.92 1.46 -3.85
CA ILE C 34 4.41 2.59 -3.09
C ILE C 34 4.81 3.87 -3.82
N ASN C 35 3.83 4.62 -4.33
CA ASN C 35 4.10 5.82 -5.10
C ASN C 35 3.56 7.05 -4.37
N ALA C 36 4.50 7.90 -3.92
CA ALA C 36 4.22 9.14 -3.22
C ALA C 36 5.27 10.16 -3.63
N PRO C 37 4.98 11.47 -3.52
CA PRO C 37 5.92 12.51 -3.84
C PRO C 37 7.06 12.49 -2.82
N LYS C 38 8.23 13.00 -3.20
CA LYS C 38 9.38 13.00 -2.29
C LYS C 38 9.17 13.97 -1.13
N ASP C 39 8.03 14.67 -1.11
CA ASP C 39 7.61 15.53 -0.03
C ASP C 39 7.28 14.73 1.23
N VAL C 40 7.10 13.41 1.08
CA VAL C 40 6.74 12.53 2.18
C VAL C 40 7.68 11.33 2.20
N ALA C 41 7.68 10.58 3.31
CA ALA C 41 8.57 9.44 3.46
C ALA C 41 7.83 8.12 3.24
N VAL C 42 8.60 7.07 2.96
CA VAL C 42 8.10 5.70 2.81
C VAL C 42 9.23 4.73 3.15
N HIS C 43 9.01 3.93 4.19
CA HIS C 43 9.97 2.91 4.63
C HIS C 43 9.24 1.67 5.10
N ARG C 44 9.93 0.52 5.12
CA ARG C 44 9.36 -0.72 5.63
C ARG C 44 9.40 -0.71 7.16
N GLU C 45 8.63 -1.61 7.78
CA GLU C 45 8.50 -1.61 9.24
C GLU C 45 9.81 -1.96 9.96
N GLU C 46 10.66 -2.78 9.32
CA GLU C 46 11.92 -3.20 9.90
C GLU C 46 13.05 -2.20 9.62
N ILE C 47 12.72 -1.07 8.99
CA ILE C 47 13.69 -0.03 8.62
C ILE C 47 13.24 1.33 9.17
N TYR C 48 11.93 1.54 9.31
CA TYR C 48 11.42 2.77 9.90
C TYR C 48 11.88 2.87 11.35
N GLN C 49 11.83 1.75 12.08
CA GLN C 49 12.26 1.69 13.46
C GLN C 49 13.79 1.67 13.56
N ARG C 50 14.47 1.37 12.44
CA ARG C 50 15.93 1.31 12.41
C ARG C 50 16.53 2.72 12.34
N ILE C 51 15.73 3.70 11.88
CA ILE C 51 16.14 5.10 11.82
C ILE C 51 16.33 5.65 13.23
N GLN C 52 15.55 5.13 14.18
CA GLN C 52 15.61 5.55 15.58
C GLN C 52 16.92 5.12 16.25
N ALA C 53 17.80 4.41 15.53
CA ALA C 53 19.08 3.95 16.06
C ALA C 53 20.21 4.24 15.07
N MET D 1 8.26 6.03 -8.00
CA MET D 1 7.68 4.94 -7.18
C MET D 1 8.79 4.22 -6.42
N LEU D 2 8.48 3.77 -5.20
CA LEU D 2 9.42 3.00 -4.38
C LEU D 2 8.92 1.56 -4.30
N ILE D 3 9.45 0.71 -5.18
CA ILE D 3 9.08 -0.69 -5.23
C ILE D 3 9.78 -1.45 -4.11
N LEU D 4 9.10 -2.46 -3.56
CA LEU D 4 9.65 -3.34 -2.55
C LEU D 4 9.12 -4.75 -2.82
N THR D 5 9.76 -5.78 -2.26
CA THR D 5 9.28 -7.15 -2.39
C THR D 5 9.16 -7.75 -0.99
N ARG D 6 8.07 -7.39 -0.29
CA ARG D 6 7.89 -7.78 1.10
C ARG D 6 7.40 -9.22 1.16
N LYS D 7 7.33 -9.78 2.38
CA LYS D 7 6.76 -11.10 2.59
C LYS D 7 5.38 -10.92 3.19
N VAL D 8 4.47 -11.88 3.00
CA VAL D 8 3.13 -11.73 3.51
C VAL D 8 3.14 -11.72 5.03
N GLY D 9 2.33 -10.82 5.59
CA GLY D 9 2.23 -10.57 7.01
C GLY D 9 3.11 -9.39 7.46
N GLU D 10 3.98 -8.88 6.57
CA GLU D 10 4.81 -7.72 6.87
C GLU D 10 4.04 -6.42 6.68
N SER D 11 4.69 -5.29 6.96
CA SER D 11 4.08 -3.97 6.86
C SER D 11 5.05 -2.96 6.26
N ILE D 12 4.50 -1.79 5.89
CA ILE D 12 5.21 -0.65 5.33
C ILE D 12 4.65 0.60 6.01
N ASN D 13 5.32 1.74 5.89
CA ASN D 13 4.85 2.97 6.51
C ASN D 13 4.99 4.14 5.53
N ILE D 14 4.15 5.17 5.68
CA ILE D 14 4.17 6.34 4.81
C ILE D 14 3.91 7.59 5.63
N GLY D 15 4.54 8.70 5.24
CA GLY D 15 4.40 9.98 5.92
C GLY D 15 4.75 9.85 7.40
N ASP D 16 3.82 10.24 8.26
CA ASP D 16 3.99 10.13 9.71
C ASP D 16 2.68 9.68 10.38
N ASP D 17 1.65 9.41 9.57
CA ASP D 17 0.33 9.04 10.08
C ASP D 17 -0.30 7.91 9.27
N ILE D 18 0.43 7.34 8.29
CA ILE D 18 -0.13 6.31 7.42
C ILE D 18 0.70 5.03 7.56
N THR D 19 0.02 3.88 7.55
CA THR D 19 0.67 2.58 7.63
C THR D 19 0.01 1.63 6.64
N ILE D 20 0.81 0.77 6.00
CA ILE D 20 0.32 -0.15 4.99
C ILE D 20 0.71 -1.56 5.40
N THR D 21 -0.05 -2.57 4.95
CA THR D 21 0.20 -3.96 5.30
C THR D 21 -0.07 -4.86 4.11
N ILE D 22 0.48 -6.08 4.16
CA ILE D 22 0.26 -7.11 3.16
C ILE D 22 -0.25 -8.36 3.89
N LEU D 23 -1.57 -8.52 3.94
CA LEU D 23 -2.17 -9.60 4.71
C LEU D 23 -1.89 -10.94 4.02
N GLY D 24 -1.74 -10.92 2.70
CA GLY D 24 -1.22 -12.08 2.00
C GLY D 24 -1.79 -12.28 0.61
N VAL D 25 -1.15 -13.20 -0.13
CA VAL D 25 -1.54 -13.61 -1.46
C VAL D 25 -2.79 -14.48 -1.40
N SER D 26 -3.66 -14.33 -2.41
CA SER D 26 -4.91 -15.08 -2.51
C SER D 26 -5.20 -15.33 -3.99
N GLY D 27 -4.58 -16.36 -4.56
CA GLY D 27 -4.71 -16.62 -5.98
C GLY D 27 -4.05 -15.50 -6.77
N GLN D 28 -4.63 -15.13 -7.92
CA GLN D 28 -4.14 -14.02 -8.72
C GLN D 28 -4.34 -12.68 -8.00
N GLN D 29 -5.01 -12.68 -6.85
CA GLN D 29 -5.24 -11.47 -6.07
C GLN D 29 -4.31 -11.40 -4.88
N VAL D 30 -4.33 -10.25 -4.19
CA VAL D 30 -3.54 -10.02 -2.99
C VAL D 30 -4.36 -9.16 -2.03
N ARG D 31 -4.47 -9.60 -0.76
CA ARG D 31 -5.18 -8.83 0.25
C ARG D 31 -4.21 -7.84 0.90
N ILE D 32 -4.37 -6.57 0.52
CA ILE D 32 -3.60 -5.45 1.03
C ILE D 32 -4.33 -4.84 2.23
N GLY D 33 -3.63 -4.05 3.04
CA GLY D 33 -4.21 -3.30 4.14
C GLY D 33 -3.72 -1.87 4.09
N ILE D 34 -4.62 -0.90 4.24
CA ILE D 34 -4.29 0.51 4.20
C ILE D 34 -4.84 1.18 5.46
N ASN D 35 -3.96 1.78 6.26
CA ASN D 35 -4.35 2.40 7.52
C ASN D 35 -3.96 3.87 7.55
N ALA D 36 -4.96 4.74 7.57
CA ALA D 36 -4.80 6.19 7.61
C ALA D 36 -5.97 6.78 8.39
N PRO D 37 -5.81 7.99 8.95
CA PRO D 37 -6.87 8.67 9.66
C PRO D 37 -7.94 9.15 8.68
N LYS D 38 -9.13 9.48 9.20
CA LYS D 38 -10.23 10.01 8.40
C LYS D 38 -9.91 11.39 7.83
N ASP D 39 -8.73 11.92 8.15
CA ASP D 39 -8.25 13.19 7.61
C ASP D 39 -7.91 13.05 6.13
N VAL D 40 -7.80 11.80 5.64
CA VAL D 40 -7.48 11.49 4.27
C VAL D 40 -8.40 10.39 3.76
N ALA D 41 -8.32 10.09 2.46
CA ALA D 41 -9.17 9.08 1.83
C ALA D 41 -8.34 7.91 1.33
N VAL D 42 -9.01 6.80 1.02
CA VAL D 42 -8.38 5.61 0.46
C VAL D 42 -9.41 4.85 -0.37
N HIS D 43 -9.09 4.58 -1.64
CA HIS D 43 -10.00 3.90 -2.55
C HIS D 43 -9.27 2.96 -3.51
N ARG D 44 -10.02 1.98 -4.03
CA ARG D 44 -9.56 0.91 -4.91
C ARG D 44 -9.25 1.35 -6.34
N GLU D 45 -9.16 2.67 -6.58
CA GLU D 45 -8.88 3.25 -7.89
C GLU D 45 -9.96 2.96 -8.95
N GLU D 46 -11.02 2.26 -8.57
CA GLU D 46 -12.09 1.91 -9.49
C GLU D 46 -13.44 2.36 -8.93
N ILE D 47 -13.40 3.10 -7.81
CA ILE D 47 -14.61 3.57 -7.16
C ILE D 47 -14.54 5.05 -6.80
N TYR D 48 -13.37 5.68 -6.94
CA TYR D 48 -13.29 7.11 -6.76
C TYR D 48 -13.98 7.82 -7.94
N GLN D 49 -13.86 7.26 -9.15
CA GLN D 49 -14.54 7.80 -10.32
C GLN D 49 -16.05 7.55 -10.24
N ARG D 50 -16.48 6.58 -9.42
CA ARG D 50 -17.90 6.25 -9.25
C ARG D 50 -18.63 7.38 -8.54
N ILE D 51 -17.89 8.29 -7.89
CA ILE D 51 -18.44 9.42 -7.17
C ILE D 51 -19.02 10.44 -8.15
N GLN D 52 -18.35 10.62 -9.29
CA GLN D 52 -18.78 11.58 -10.31
C GLN D 52 -20.10 11.17 -10.96
N ALA D 53 -20.61 9.97 -10.66
CA ALA D 53 -21.86 9.48 -11.23
C ALA D 53 -23.10 10.07 -10.57
N MET C 1 -8.36 -0.17 10.04
CA MET C 1 -7.72 -0.59 8.79
C MET C 1 -8.77 -0.85 7.71
N LEU C 2 -8.49 -0.47 6.47
CA LEU C 2 -9.38 -0.73 5.35
C LEU C 2 -8.76 -1.82 4.47
N ILE C 3 -9.31 -3.03 4.57
CA ILE C 3 -8.82 -4.17 3.81
C ILE C 3 -9.52 -4.23 2.46
N LEU C 4 -8.78 -4.61 1.41
CA LEU C 4 -9.31 -4.80 0.07
C LEU C 4 -8.63 -6.03 -0.54
N THR C 5 -9.22 -6.58 -1.61
CA THR C 5 -8.66 -7.74 -2.30
C THR C 5 -8.45 -7.40 -3.77
N ARG C 6 -7.29 -6.81 -4.07
CA ARG C 6 -6.93 -6.41 -5.42
C ARG C 6 -6.42 -7.62 -6.21
N LYS C 7 -6.16 -7.43 -7.50
CA LYS C 7 -5.58 -8.44 -8.36
C LYS C 7 -4.29 -7.90 -8.95
N VAL C 8 -3.43 -8.79 -9.46
CA VAL C 8 -2.15 -8.38 -10.03
C VAL C 8 -2.38 -7.37 -11.15
N GLY C 9 -1.71 -6.22 -11.05
CA GLY C 9 -1.78 -5.15 -12.03
C GLY C 9 -2.75 -4.05 -11.63
N GLU C 10 -3.55 -4.26 -10.57
CA GLU C 10 -4.48 -3.26 -10.08
C GLU C 10 -3.80 -2.38 -9.03
N SER C 11 -4.49 -1.32 -8.58
CA SER C 11 -3.92 -0.40 -7.62
C SER C 11 -4.96 0.19 -6.67
N ILE C 12 -4.45 0.99 -5.72
CA ILE C 12 -5.19 1.67 -4.69
C ILE C 12 -4.66 3.10 -4.60
N ASN C 13 -5.41 4.00 -3.96
CA ASN C 13 -4.99 5.38 -3.77
C ASN C 13 -5.24 5.81 -2.32
N ILE C 14 -4.42 6.74 -1.84
CA ILE C 14 -4.54 7.28 -0.49
C ILE C 14 -4.26 8.77 -0.51
N GLY C 15 -4.97 9.54 0.32
CA GLY C 15 -4.74 10.97 0.49
C GLY C 15 -4.86 11.78 -0.80
N ASP C 16 -5.37 11.17 -1.88
CA ASP C 16 -5.52 11.79 -3.19
C ASP C 16 -4.17 12.20 -3.82
N ASP C 17 -3.04 11.83 -3.20
CA ASP C 17 -1.71 12.14 -3.72
C ASP C 17 -0.80 10.92 -3.71
N ILE C 18 -1.32 9.76 -3.29
CA ILE C 18 -0.51 8.54 -3.18
C ILE C 18 -1.19 7.41 -3.95
N THR C 19 -0.38 6.48 -4.46
CA THR C 19 -0.86 5.32 -5.20
C THR C 19 -0.08 4.09 -4.77
N ILE C 20 -0.78 2.97 -4.57
CA ILE C 20 -0.19 1.70 -4.19
C ILE C 20 -0.56 0.67 -5.26
N THR C 21 0.39 -0.12 -5.74
CA THR C 21 0.13 -1.03 -6.85
C THR C 21 0.71 -2.42 -6.59
N ILE C 22 -0.07 -3.46 -6.89
CA ILE C 22 0.37 -4.85 -6.78
C ILE C 22 0.97 -5.25 -8.13
N LEU C 23 2.30 -5.25 -8.21
CA LEU C 23 3.00 -5.51 -9.46
C LEU C 23 2.94 -6.99 -9.80
N GLY C 24 2.80 -7.85 -8.78
CA GLY C 24 2.58 -9.27 -8.99
C GLY C 24 2.98 -10.09 -7.76
N VAL C 25 2.59 -11.36 -7.76
CA VAL C 25 2.93 -12.27 -6.67
C VAL C 25 4.35 -12.79 -6.85
N SER C 26 4.93 -13.33 -5.77
CA SER C 26 6.28 -13.86 -5.76
C SER C 26 6.37 -15.01 -4.75
N GLY C 27 5.33 -15.85 -4.72
CA GLY C 27 5.25 -16.98 -3.79
C GLY C 27 4.84 -16.47 -2.42
N GLN C 28 5.64 -16.77 -1.40
CA GLN C 28 5.41 -16.24 -0.07
C GLN C 28 5.68 -14.73 -0.05
N GLN C 29 6.34 -14.23 -1.10
CA GLN C 29 6.60 -12.81 -1.25
C GLN C 29 5.59 -12.19 -2.21
N VAL C 30 5.51 -10.85 -2.24
CA VAL C 30 4.57 -10.13 -3.07
C VAL C 30 5.19 -8.81 -3.51
N ARG C 31 5.44 -8.64 -4.80
CA ARG C 31 6.03 -7.40 -5.30
C ARG C 31 4.98 -6.31 -5.39
N ILE C 32 5.00 -5.40 -4.41
CA ILE C 32 4.11 -4.24 -4.34
C ILE C 32 4.96 -2.98 -4.51
N GLY C 33 4.32 -1.85 -4.81
CA GLY C 33 5.01 -0.57 -4.89
C GLY C 33 4.18 0.53 -4.24
N ILE C 34 4.86 1.60 -3.84
CA ILE C 34 4.25 2.76 -3.19
C ILE C 34 4.71 4.00 -3.95
N ASN C 35 3.77 4.89 -4.30
CA ASN C 35 4.10 6.08 -5.08
C ASN C 35 3.50 7.32 -4.45
N ALA C 36 4.38 8.19 -3.95
CA ALA C 36 4.05 9.45 -3.31
C ALA C 36 5.12 10.48 -3.69
N PRO C 37 4.83 11.78 -3.56
CA PRO C 37 5.80 12.82 -3.84
C PRO C 37 6.87 12.83 -2.74
N LYS C 38 8.02 13.47 -3.00
CA LYS C 38 9.09 13.58 -2.03
C LYS C 38 8.70 14.51 -0.88
N ASP C 39 7.47 15.07 -0.92
CA ASP C 39 6.92 15.85 0.17
C ASP C 39 6.69 14.97 1.40
N VAL C 40 6.71 13.64 1.20
CA VAL C 40 6.48 12.66 2.24
C VAL C 40 7.52 11.55 2.15
N ALA C 41 7.54 10.64 3.13
CA ALA C 41 8.51 9.56 3.16
C ALA C 41 7.80 8.20 3.06
N VAL C 42 8.57 7.17 2.72
CA VAL C 42 8.09 5.81 2.61
C VAL C 42 9.24 4.84 2.89
N HIS C 43 9.12 4.10 4.00
CA HIS C 43 10.12 3.12 4.40
C HIS C 43 9.45 1.89 5.01
N ARG C 44 10.18 0.77 5.06
CA ARG C 44 9.70 -0.45 5.72
C ARG C 44 9.98 -0.34 7.23
N GLU C 45 9.36 -1.21 8.03
CA GLU C 45 9.51 -1.12 9.49
C GLU C 45 10.91 -1.52 9.94
N GLU C 46 11.59 -2.40 9.20
CA GLU C 46 12.93 -2.86 9.53
C GLU C 46 13.99 -1.81 9.19
N ILE C 47 13.55 -0.68 8.62
CA ILE C 47 14.43 0.37 8.11
C ILE C 47 14.04 1.73 8.70
N TYR C 48 12.79 1.90 9.12
CA TYR C 48 12.39 3.10 9.83
C TYR C 48 13.00 3.09 11.23
N GLN C 49 12.93 1.94 11.92
CA GLN C 49 13.48 1.79 13.26
C GLN C 49 15.01 1.85 13.23
N ARG C 50 15.60 1.96 12.03
CA ARG C 50 17.04 2.02 11.81
C ARG C 50 17.50 3.47 11.69
N ILE C 51 16.60 4.44 11.92
CA ILE C 51 16.89 5.85 11.76
C ILE C 51 17.11 6.53 13.11
N GLN C 52 16.02 7.04 13.71
CA GLN C 52 16.06 7.85 14.93
C GLN C 52 16.48 7.07 16.17
N ALA C 53 16.58 5.74 16.09
CA ALA C 53 16.97 4.93 17.23
C ALA C 53 18.50 4.91 17.43
N MET D 1 7.91 5.70 -8.53
CA MET D 1 7.39 4.71 -7.57
C MET D 1 8.52 4.05 -6.81
N LEU D 2 8.25 3.63 -5.56
CA LEU D 2 9.21 2.94 -4.72
C LEU D 2 8.74 1.50 -4.54
N ILE D 3 9.31 0.58 -5.32
CA ILE D 3 8.94 -0.82 -5.31
C ILE D 3 9.63 -1.54 -4.15
N LEU D 4 8.93 -2.49 -3.53
CA LEU D 4 9.44 -3.30 -2.43
C LEU D 4 8.83 -4.70 -2.55
N THR D 5 9.65 -5.75 -2.60
CA THR D 5 9.14 -7.12 -2.60
C THR D 5 8.74 -7.51 -1.18
N ARG D 6 7.48 -7.27 -0.85
CA ARG D 6 6.91 -7.55 0.46
C ARG D 6 6.79 -9.05 0.68
N LYS D 7 6.38 -9.45 1.89
CA LYS D 7 6.05 -10.83 2.20
C LYS D 7 4.80 -10.85 3.07
N VAL D 8 4.07 -11.96 3.07
CA VAL D 8 2.82 -12.06 3.84
C VAL D 8 3.09 -11.78 5.32
N GLY D 9 2.44 -10.73 5.83
CA GLY D 9 2.53 -10.34 7.22
C GLY D 9 3.48 -9.15 7.44
N GLU D 10 4.21 -8.74 6.40
CA GLU D 10 5.11 -7.60 6.50
C GLU D 10 4.33 -6.29 6.35
N SER D 11 4.95 -5.18 6.72
CA SER D 11 4.30 -3.87 6.68
C SER D 11 5.27 -2.80 6.17
N ILE D 12 4.69 -1.68 5.75
CA ILE D 12 5.40 -0.50 5.29
C ILE D 12 4.80 0.73 5.98
N ASN D 13 5.50 1.87 5.94
CA ASN D 13 5.01 3.09 6.57
C ASN D 13 5.11 4.24 5.58
N ILE D 14 4.22 5.22 5.69
CA ILE D 14 4.18 6.36 4.80
C ILE D 14 3.88 7.63 5.59
N GLY D 15 4.47 8.76 5.17
CA GLY D 15 4.30 10.04 5.83
C GLY D 15 4.67 9.93 7.30
N ASP D 16 3.74 10.28 8.18
CA ASP D 16 3.91 10.19 9.62
C ASP D 16 2.62 9.71 10.30
N ASP D 17 1.60 9.37 9.49
CA ASP D 17 0.28 9.02 9.98
C ASP D 17 -0.34 7.85 9.20
N ILE D 18 0.41 7.26 8.25
CA ILE D 18 -0.12 6.19 7.41
C ILE D 18 0.76 4.95 7.52
N THR D 19 0.14 3.78 7.55
CA THR D 19 0.84 2.49 7.62
C THR D 19 0.14 1.50 6.70
N ILE D 20 0.90 0.58 6.12
CA ILE D 20 0.38 -0.40 5.16
C ILE D 20 0.80 -1.80 5.59
N THR D 21 -0.04 -2.80 5.31
CA THR D 21 0.25 -4.19 5.63
C THR D 21 -0.21 -5.07 4.46
N ILE D 22 0.38 -6.27 4.32
CA ILE D 22 -0.03 -7.22 3.31
C ILE D 22 -0.49 -8.49 4.03
N LEU D 23 -1.80 -8.66 4.11
CA LEU D 23 -2.41 -9.69 4.94
C LEU D 23 -2.24 -11.08 4.34
N GLY D 24 -2.12 -11.16 3.01
CA GLY D 24 -1.88 -12.44 2.37
C GLY D 24 -2.17 -12.41 0.87
N VAL D 25 -2.00 -13.57 0.23
CA VAL D 25 -2.22 -13.76 -1.19
C VAL D 25 -3.28 -14.85 -1.39
N SER D 26 -4.04 -14.74 -2.47
CA SER D 26 -5.12 -15.66 -2.79
C SER D 26 -5.14 -15.88 -4.30
N GLY D 27 -4.19 -16.68 -4.79
CA GLY D 27 -4.05 -16.93 -6.20
C GLY D 27 -3.69 -15.63 -6.93
N GLN D 28 -4.47 -15.28 -7.96
CA GLN D 28 -4.23 -14.08 -8.75
C GLN D 28 -4.60 -12.82 -7.96
N GLN D 29 -5.15 -12.96 -6.75
CA GLN D 29 -5.56 -11.81 -5.95
C GLN D 29 -4.65 -11.65 -4.73
N VAL D 30 -4.71 -10.48 -4.11
CA VAL D 30 -3.87 -10.14 -2.96
C VAL D 30 -4.69 -9.30 -1.97
N ARG D 31 -4.61 -9.66 -0.68
CA ARG D 31 -5.33 -8.96 0.38
C ARG D 31 -4.38 -8.01 1.09
N ILE D 32 -4.56 -6.71 0.84
CA ILE D 32 -3.75 -5.65 1.42
C ILE D 32 -4.58 -4.95 2.51
N GLY D 33 -3.89 -4.26 3.44
CA GLY D 33 -4.54 -3.57 4.54
C GLY D 33 -3.97 -2.16 4.71
N ILE D 34 -4.75 -1.16 4.33
CA ILE D 34 -4.35 0.25 4.43
C ILE D 34 -4.76 0.79 5.80
N ASN D 35 -3.81 1.36 6.54
CA ASN D 35 -4.07 1.92 7.86
C ASN D 35 -3.87 3.44 7.83
N ALA D 36 -4.98 4.18 7.82
CA ALA D 36 -4.96 5.63 7.82
C ALA D 36 -6.15 6.17 8.62
N PRO D 37 -6.04 7.36 9.20
CA PRO D 37 -7.12 7.99 9.94
C PRO D 37 -8.18 8.50 8.99
N LYS D 38 -9.39 8.79 9.51
CA LYS D 38 -10.48 9.32 8.71
C LYS D 38 -10.20 10.75 8.26
N ASP D 39 -9.05 11.31 8.67
CA ASP D 39 -8.61 12.62 8.23
C ASP D 39 -8.23 12.59 6.74
N VAL D 40 -8.06 11.38 6.20
CA VAL D 40 -7.68 11.16 4.81
C VAL D 40 -8.57 10.08 4.21
N ALA D 41 -8.44 9.86 2.89
CA ALA D 41 -9.27 8.88 2.21
C ALA D 41 -8.42 7.77 1.61
N VAL D 42 -9.07 6.63 1.34
CA VAL D 42 -8.45 5.47 0.73
C VAL D 42 -9.50 4.75 -0.12
N HIS D 43 -9.26 4.72 -1.44
CA HIS D 43 -10.16 4.07 -2.37
C HIS D 43 -9.37 3.34 -3.47
N ARG D 44 -10.02 2.38 -4.12
CA ARG D 44 -9.47 1.65 -5.25
C ARG D 44 -9.63 2.49 -6.52
N GLU D 45 -8.79 2.25 -7.54
CA GLU D 45 -8.81 3.05 -8.76
C GLU D 45 -10.11 2.88 -9.55
N GLU D 46 -10.81 1.76 -9.34
CA GLU D 46 -12.05 1.47 -10.06
C GLU D 46 -13.25 2.15 -9.41
N ILE D 47 -13.05 2.77 -8.24
CA ILE D 47 -14.15 3.36 -7.49
C ILE D 47 -13.85 4.79 -7.05
N TYR D 48 -12.60 5.23 -7.13
CA TYR D 48 -12.34 6.65 -6.95
C TYR D 48 -13.00 7.40 -8.10
N GLN D 49 -12.87 6.87 -9.32
CA GLN D 49 -13.45 7.49 -10.51
C GLN D 49 -14.99 7.38 -10.52
N ARG D 50 -15.54 6.53 -9.64
CA ARG D 50 -16.98 6.28 -9.54
C ARG D 50 -17.69 7.41 -8.79
N ILE D 51 -16.97 8.46 -8.40
CA ILE D 51 -17.49 9.52 -7.55
C ILE D 51 -17.79 10.80 -8.31
N GLN D 52 -16.82 11.31 -9.08
CA GLN D 52 -16.90 12.63 -9.72
C GLN D 52 -17.95 12.72 -10.81
N ALA D 53 -18.53 11.58 -11.22
CA ALA D 53 -19.48 11.55 -12.33
C ALA D 53 -20.88 11.10 -11.91
N MET C 1 -8.56 0.03 9.95
CA MET C 1 -7.88 -0.33 8.71
C MET C 1 -8.89 -0.67 7.62
N LEU C 2 -8.58 -0.32 6.36
CA LEU C 2 -9.42 -0.62 5.22
C LEU C 2 -8.74 -1.70 4.37
N ILE C 3 -9.15 -2.95 4.55
CA ILE C 3 -8.58 -4.08 3.83
C ILE C 3 -9.33 -4.25 2.51
N LEU C 4 -8.61 -4.71 1.47
CA LEU C 4 -9.19 -5.00 0.18
C LEU C 4 -8.50 -6.23 -0.41
N THR C 5 -9.09 -6.84 -1.44
CA THR C 5 -8.53 -8.01 -2.11
C THR C 5 -8.32 -7.69 -3.59
N ARG C 6 -7.16 -7.08 -3.89
CA ARG C 6 -6.79 -6.69 -5.24
C ARG C 6 -6.33 -7.90 -6.05
N LYS C 7 -6.05 -7.67 -7.33
CA LYS C 7 -5.45 -8.67 -8.21
C LYS C 7 -4.24 -8.07 -8.89
N VAL C 8 -3.34 -8.91 -9.40
CA VAL C 8 -2.10 -8.45 -10.03
C VAL C 8 -2.41 -7.46 -11.14
N GLY C 9 -1.77 -6.29 -11.09
CA GLY C 9 -1.91 -5.24 -12.09
C GLY C 9 -2.90 -4.15 -11.68
N GLU C 10 -3.63 -4.35 -10.57
CA GLU C 10 -4.57 -3.35 -10.08
C GLU C 10 -3.87 -2.36 -9.14
N SER C 11 -4.60 -1.34 -8.67
CA SER C 11 -4.04 -0.28 -7.84
C SER C 11 -4.97 0.13 -6.72
N ILE C 12 -4.45 0.98 -5.83
CA ILE C 12 -5.15 1.58 -4.70
C ILE C 12 -4.74 3.05 -4.64
N ASN C 13 -5.50 3.89 -3.94
CA ASN C 13 -5.16 5.30 -3.82
C ASN C 13 -5.39 5.79 -2.39
N ILE C 14 -4.64 6.82 -1.98
CA ILE C 14 -4.73 7.41 -0.65
C ILE C 14 -4.57 8.91 -0.75
N GLY C 15 -5.11 9.64 0.24
CA GLY C 15 -5.00 11.09 0.32
C GLY C 15 -3.54 11.55 0.25
N ASP C 16 -3.34 12.87 0.20
CA ASP C 16 -2.02 13.45 -0.02
C ASP C 16 -1.41 12.97 -1.35
N ASP C 17 -2.25 12.42 -2.24
CA ASP C 17 -1.92 12.01 -3.60
C ASP C 17 -1.11 10.71 -3.67
N ILE C 18 -1.10 9.89 -2.62
CA ILE C 18 -0.32 8.65 -2.70
C ILE C 18 -1.10 7.63 -3.51
N THR C 19 -0.38 6.78 -4.24
CA THR C 19 -0.97 5.71 -5.03
C THR C 19 -0.18 4.43 -4.78
N ILE C 20 -0.88 3.29 -4.66
CA ILE C 20 -0.25 2.01 -4.39
C ILE C 20 -0.60 1.05 -5.52
N THR C 21 0.23 0.03 -5.76
CA THR C 21 0.00 -0.91 -6.84
C THR C 21 0.46 -2.31 -6.42
N ILE C 22 -0.03 -3.33 -7.13
CA ILE C 22 0.38 -4.72 -6.94
C ILE C 22 1.00 -5.20 -8.25
N LEU C 23 2.34 -5.19 -8.32
CA LEU C 23 3.05 -5.46 -9.55
C LEU C 23 3.05 -6.96 -9.83
N GLY C 24 2.88 -7.78 -8.77
CA GLY C 24 2.67 -9.21 -8.94
C GLY C 24 3.12 -10.02 -7.73
N VAL C 25 2.75 -11.30 -7.72
CA VAL C 25 3.14 -12.22 -6.67
C VAL C 25 4.58 -12.68 -6.90
N SER C 26 5.19 -13.27 -5.87
CA SER C 26 6.55 -13.79 -5.89
C SER C 26 6.66 -14.93 -4.89
N GLY C 27 5.68 -15.82 -4.90
CA GLY C 27 5.60 -16.94 -3.97
C GLY C 27 5.13 -16.45 -2.61
N GLN C 28 5.91 -16.69 -1.56
CA GLN C 28 5.61 -16.18 -0.23
C GLN C 28 5.83 -14.67 -0.18
N GLN C 29 6.40 -14.11 -1.27
CA GLN C 29 6.66 -12.69 -1.38
C GLN C 29 5.66 -12.04 -2.34
N VAL C 30 5.60 -10.70 -2.35
CA VAL C 30 4.65 -9.95 -3.15
C VAL C 30 5.26 -8.61 -3.56
N ARG C 31 5.39 -8.36 -4.87
CA ARG C 31 5.86 -7.07 -5.37
C ARG C 31 4.75 -6.04 -5.29
N ILE C 32 4.80 -5.22 -4.24
CA ILE C 32 3.92 -4.08 -4.07
C ILE C 32 4.71 -2.84 -4.50
N GLY C 33 4.02 -1.83 -5.03
CA GLY C 33 4.64 -0.58 -5.42
C GLY C 33 3.99 0.57 -4.67
N ILE C 34 4.79 1.58 -4.32
CA ILE C 34 4.34 2.71 -3.51
C ILE C 34 4.74 4.01 -4.19
N ASN C 35 3.76 4.76 -4.68
CA ASN C 35 4.02 6.01 -5.38
C ASN C 35 3.56 7.20 -4.54
N ALA C 36 4.54 7.92 -4.01
CA ALA C 36 4.34 9.10 -3.18
C ALA C 36 5.37 10.16 -3.57
N PRO C 37 5.07 11.44 -3.35
CA PRO C 37 6.01 12.51 -3.63
C PRO C 37 7.13 12.52 -2.58
N LYS C 38 8.26 13.14 -2.90
CA LYS C 38 9.37 13.24 -1.96
C LYS C 38 9.04 14.19 -0.80
N ASP C 39 7.84 14.78 -0.81
CA ASP C 39 7.34 15.59 0.28
C ASP C 39 7.01 14.70 1.48
N VAL C 40 6.99 13.37 1.28
CA VAL C 40 6.73 12.40 2.32
C VAL C 40 7.72 11.24 2.22
N ALA C 41 7.73 10.36 3.22
CA ALA C 41 8.66 9.24 3.24
C ALA C 41 7.91 7.92 3.19
N VAL C 42 8.61 6.87 2.77
CA VAL C 42 8.08 5.53 2.65
C VAL C 42 9.17 4.51 2.98
N HIS C 43 8.99 3.77 4.07
CA HIS C 43 9.92 2.74 4.51
C HIS C 43 9.17 1.56 5.11
N ARG C 44 9.85 0.41 5.20
CA ARG C 44 9.30 -0.78 5.86
C ARG C 44 9.50 -0.68 7.36
N GLU C 45 8.86 -1.57 8.13
CA GLU C 45 8.84 -1.46 9.59
C GLU C 45 10.21 -1.69 10.23
N GLU C 46 11.05 -2.54 9.64
CA GLU C 46 12.38 -2.84 10.16
C GLU C 46 13.41 -1.82 9.68
N ILE C 47 12.98 -0.78 8.96
CA ILE C 47 13.87 0.18 8.34
C ILE C 47 13.49 1.61 8.68
N TYR C 48 12.22 1.89 8.99
CA TYR C 48 11.84 3.22 9.41
C TYR C 48 12.46 3.53 10.77
N GLN C 49 12.36 2.58 11.71
CA GLN C 49 12.91 2.73 13.05
C GLN C 49 14.44 2.76 13.02
N ARG C 50 15.03 2.50 11.84
CA ARG C 50 16.46 2.47 11.63
C ARG C 50 17.00 3.85 11.22
N ILE C 51 16.18 4.90 11.35
CA ILE C 51 16.52 6.24 10.88
C ILE C 51 16.70 7.21 12.05
N GLN C 52 15.62 7.90 12.45
CA GLN C 52 15.65 9.00 13.42
C GLN C 52 16.13 8.58 14.81
N ALA C 53 16.39 7.29 15.04
CA ALA C 53 16.91 6.83 16.31
C ALA C 53 18.39 7.19 16.47
N MET D 1 7.86 5.79 -8.35
CA MET D 1 7.33 4.73 -7.48
C MET D 1 8.47 3.98 -6.79
N LEU D 2 8.21 3.49 -5.58
CA LEU D 2 9.18 2.73 -4.78
C LEU D 2 8.67 1.30 -4.62
N ILE D 3 9.33 0.34 -5.27
CA ILE D 3 8.92 -1.05 -5.24
C ILE D 3 9.47 -1.70 -3.97
N LEU D 4 8.67 -2.57 -3.35
CA LEU D 4 9.11 -3.36 -2.21
C LEU D 4 8.52 -4.76 -2.34
N THR D 5 9.39 -5.76 -2.54
CA THR D 5 8.97 -7.15 -2.63
C THR D 5 8.68 -7.65 -1.21
N ARG D 6 7.56 -7.19 -0.65
CA ARG D 6 7.15 -7.48 0.73
C ARG D 6 6.85 -8.97 0.87
N LYS D 7 6.64 -9.44 2.09
CA LYS D 7 6.29 -10.84 2.32
C LYS D 7 5.05 -10.93 3.19
N VAL D 8 4.29 -12.02 3.06
CA VAL D 8 3.04 -12.20 3.78
C VAL D 8 3.24 -12.04 5.29
N GLY D 9 2.49 -11.11 5.89
CA GLY D 9 2.52 -10.87 7.32
C GLY D 9 3.38 -9.66 7.69
N GLU D 10 4.13 -9.10 6.74
CA GLU D 10 4.96 -7.93 6.99
C GLU D 10 4.15 -6.65 6.70
N SER D 11 4.75 -5.49 7.00
CA SER D 11 4.07 -4.20 6.85
C SER D 11 5.00 -3.13 6.29
N ILE D 12 4.42 -1.98 5.97
CA ILE D 12 5.10 -0.80 5.44
C ILE D 12 4.51 0.44 6.13
N ASN D 13 5.20 1.58 6.04
CA ASN D 13 4.69 2.82 6.61
C ASN D 13 4.92 3.98 5.64
N ILE D 14 4.02 4.97 5.68
CA ILE D 14 4.07 6.12 4.78
C ILE D 14 3.66 7.39 5.52
N GLY D 15 4.47 8.45 5.39
CA GLY D 15 4.17 9.76 5.96
C GLY D 15 4.01 9.77 7.48
N ASP D 16 4.35 8.66 8.15
CA ASP D 16 4.23 8.50 9.59
C ASP D 16 2.78 8.60 10.11
N ASP D 17 1.80 8.70 9.21
CA ASP D 17 0.39 8.73 9.58
C ASP D 17 -0.40 7.62 8.88
N ILE D 18 0.26 6.88 7.97
CA ILE D 18 -0.37 5.80 7.25
C ILE D 18 0.47 4.54 7.38
N THR D 19 -0.18 3.39 7.49
CA THR D 19 0.48 2.10 7.61
C THR D 19 -0.16 1.13 6.63
N ILE D 20 0.65 0.30 5.98
CA ILE D 20 0.17 -0.66 5.00
C ILE D 20 0.60 -2.06 5.43
N THR D 21 -0.15 -3.09 5.04
CA THR D 21 0.14 -4.46 5.42
C THR D 21 -0.21 -5.41 4.29
N ILE D 22 0.43 -6.60 4.27
CA ILE D 22 0.13 -7.63 3.30
C ILE D 22 -0.36 -8.86 4.06
N LEU D 23 -1.68 -8.99 4.17
CA LEU D 23 -2.31 -10.04 4.95
C LEU D 23 -2.15 -11.40 4.25
N GLY D 24 -1.94 -11.40 2.94
CA GLY D 24 -1.66 -12.65 2.26
C GLY D 24 -1.99 -12.62 0.77
N VAL D 25 -1.83 -13.79 0.14
CA VAL D 25 -2.08 -13.98 -1.28
C VAL D 25 -3.12 -15.10 -1.45
N SER D 26 -3.90 -15.01 -2.52
CA SER D 26 -4.96 -15.97 -2.83
C SER D 26 -5.03 -16.16 -4.33
N GLY D 27 -4.11 -16.96 -4.87
CA GLY D 27 -4.03 -17.15 -6.31
C GLY D 27 -3.64 -15.83 -6.98
N GLN D 28 -4.41 -15.42 -8.00
CA GLN D 28 -4.17 -14.18 -8.71
C GLN D 28 -4.52 -12.96 -7.86
N GLN D 29 -5.16 -13.17 -6.71
CA GLN D 29 -5.57 -12.08 -5.84
C GLN D 29 -4.58 -11.90 -4.68
N VAL D 30 -4.63 -10.73 -4.04
CA VAL D 30 -3.75 -10.37 -2.94
C VAL D 30 -4.52 -9.52 -1.93
N ARG D 31 -4.52 -9.94 -0.66
CA ARG D 31 -5.17 -9.17 0.39
C ARG D 31 -4.18 -8.22 1.04
N ILE D 32 -4.37 -6.93 0.75
CA ILE D 32 -3.55 -5.84 1.27
C ILE D 32 -4.43 -5.00 2.21
N GLY D 33 -3.81 -4.35 3.19
CA GLY D 33 -4.52 -3.49 4.12
C GLY D 33 -3.93 -2.09 4.10
N ILE D 34 -4.78 -1.07 4.26
CA ILE D 34 -4.38 0.33 4.24
C ILE D 34 -4.98 1.00 5.47
N ASN D 35 -4.14 1.60 6.32
CA ASN D 35 -4.59 2.22 7.55
C ASN D 35 -4.13 3.67 7.64
N ALA D 36 -5.09 4.59 7.52
CA ALA D 36 -4.91 6.02 7.59
C ALA D 36 -6.06 6.60 8.41
N PRO D 37 -5.92 7.81 8.96
CA PRO D 37 -6.99 8.45 9.70
C PRO D 37 -8.10 8.90 8.76
N LYS D 38 -9.28 9.19 9.31
CA LYS D 38 -10.40 9.69 8.53
C LYS D 38 -10.14 11.13 8.05
N ASP D 39 -9.00 11.70 8.42
CA ASP D 39 -8.56 13.00 7.93
C ASP D 39 -8.23 12.91 6.44
N VAL D 40 -8.09 11.68 5.93
CA VAL D 40 -7.76 11.41 4.54
C VAL D 40 -8.66 10.30 4.00
N ALA D 41 -8.57 10.03 2.70
CA ALA D 41 -9.40 9.04 2.07
C ALA D 41 -8.56 7.90 1.50
N VAL D 42 -9.21 6.78 1.22
CA VAL D 42 -8.59 5.61 0.60
C VAL D 42 -9.66 4.88 -0.21
N HIS D 43 -9.37 4.69 -1.50
CA HIS D 43 -10.27 4.03 -2.43
C HIS D 43 -9.51 3.08 -3.36
N ARG D 44 -10.26 2.31 -4.16
CA ARG D 44 -9.67 1.23 -4.95
C ARG D 44 -9.85 1.43 -6.46
N GLU D 45 -8.76 1.84 -7.11
CA GLU D 45 -8.66 2.11 -8.53
C GLU D 45 -9.87 2.90 -9.08
N GLU D 46 -10.83 2.23 -9.69
CA GLU D 46 -11.96 2.87 -10.35
C GLU D 46 -12.89 3.59 -9.38
N ILE D 47 -12.93 3.16 -8.11
CA ILE D 47 -13.83 3.76 -7.13
C ILE D 47 -13.50 5.23 -6.90
N TYR D 48 -12.26 5.65 -7.15
CA TYR D 48 -11.90 7.04 -6.98
C TYR D 48 -12.57 7.90 -8.05
N GLN D 49 -12.47 7.49 -9.32
CA GLN D 49 -13.05 8.23 -10.43
C GLN D 49 -14.57 8.08 -10.46
N ARG D 50 -15.10 7.04 -9.80
CA ARG D 50 -16.54 6.79 -9.73
C ARG D 50 -17.24 7.82 -8.84
N ILE D 51 -16.49 8.50 -7.96
CA ILE D 51 -17.02 9.55 -7.10
C ILE D 51 -17.38 10.76 -7.95
N GLN D 52 -16.65 10.98 -9.03
CA GLN D 52 -16.86 12.13 -9.91
C GLN D 52 -18.20 12.04 -10.65
N ALA D 53 -18.90 10.89 -10.58
CA ALA D 53 -20.22 10.75 -11.15
C ALA D 53 -21.27 11.48 -10.30
#